data_7B4Q
#
_entry.id   7B4Q
#
_cell.length_a   109.883
_cell.length_b   109.883
_cell.length_c   126.772
_cell.angle_alpha   90.000
_cell.angle_beta   90.000
_cell.angle_gamma   90.000
#
_symmetry.space_group_name_H-M   'P 43 21 2'
#
loop_
_entity.id
_entity.type
_entity.pdbx_description
1 polymer Lipase
2 non-polymer 1,2-ETHANEDIOL
3 non-polymer GLYCEROL
4 non-polymer DI(HYDROXYETHYL)ETHER
5 non-polymer 'MAGNESIUM ION'
6 water water
#
_entity_poly.entity_id   1
_entity_poly.type   'polypeptide(L)'
_entity_poly.pdbx_seq_one_letter_code
;MKNRIDPELRAMLDMFPPLNLDDVQATRKAMEEAAQLTELPVDEEVVVSNRMVPGPEDNPYVRVRIYEPKEKIEKLPGLL
WIHGGGYVLGAPEGDDLLCQRFVKEANCVVVSVDYRLAPEHPYPAPLEDCYAALQWFAKKVDELGVDASRIGVGGQSAGG
GLTAALALLARDRKGPELCFQMPLYPMIDDKNNSPSSLEITGNLIWNHDLNEKGWSMYLDGKNGTDDVPVHAAPARATDL
TNLPYTYTCVGQLDPFRDETLDYVKRLCQAGVDVEFHLYPGAYHGFETLNPAAAVSQRALAEYVGAVKHVLNREKVVERK
;
_entity_poly.pdbx_strand_id   A,B
#
# COMPACT_ATOMS: atom_id res chain seq x y z
N MET A 1 -16.83 -15.72 4.19
CA MET A 1 -16.36 -14.65 3.20
C MET A 1 -15.76 -15.28 1.91
N LYS A 2 -16.17 -16.49 1.51
CA LYS A 2 -15.40 -17.32 0.54
C LYS A 2 -15.14 -16.52 -0.74
N ASN A 3 -16.16 -15.91 -1.33
CA ASN A 3 -16.08 -15.18 -2.61
C ASN A 3 -15.08 -14.02 -2.53
N ARG A 4 -14.82 -13.44 -1.37
CA ARG A 4 -13.90 -12.28 -1.27
C ARG A 4 -12.44 -12.75 -1.28
N ILE A 5 -12.21 -14.03 -1.00
CA ILE A 5 -10.83 -14.51 -0.70
C ILE A 5 -10.19 -14.90 -2.03
N ASP A 6 -8.95 -14.46 -2.27
CA ASP A 6 -8.16 -14.91 -3.46
C ASP A 6 -8.25 -16.43 -3.55
N PRO A 7 -8.63 -17.00 -4.69
CA PRO A 7 -8.71 -18.45 -4.85
C PRO A 7 -7.47 -19.25 -4.41
N GLU A 8 -6.26 -18.68 -4.56
CA GLU A 8 -5.01 -19.40 -4.20
C GLU A 8 -4.86 -19.47 -2.68
N LEU A 9 -5.70 -18.77 -1.92
CA LEU A 9 -5.60 -18.75 -0.44
C LEU A 9 -6.72 -19.59 0.22
N ARG A 10 -7.66 -20.14 -0.54
CA ARG A 10 -8.89 -20.75 0.05
C ARG A 10 -8.61 -22.13 0.66
N ALA A 11 -7.83 -22.96 -0.02
CA ALA A 11 -7.69 -24.40 0.36
C ALA A 11 -7.06 -24.51 1.76
N MET A 12 -6.06 -23.71 2.07
CA MET A 12 -5.38 -23.75 3.40
C MET A 12 -6.35 -23.41 4.55
N LEU A 13 -7.39 -22.59 4.35
CA LEU A 13 -8.41 -22.35 5.43
C LEU A 13 -9.14 -23.61 5.88
N ASP A 14 -9.38 -24.56 4.98
CA ASP A 14 -10.04 -25.85 5.32
C ASP A 14 -9.05 -26.82 5.93
N MET A 15 -7.74 -26.60 5.83
CA MET A 15 -6.71 -27.65 6.07
C MET A 15 -6.29 -27.72 7.54
N PHE A 16 -6.72 -26.78 8.35
CA PHE A 16 -6.32 -26.65 9.77
C PHE A 16 -7.47 -26.10 10.60
N PRO A 17 -7.58 -26.56 11.87
CA PRO A 17 -8.78 -26.34 12.66
C PRO A 17 -8.71 -24.87 13.09
N PRO A 18 -9.84 -24.16 13.15
CA PRO A 18 -9.83 -22.77 13.62
C PRO A 18 -9.14 -22.63 14.99
N LEU A 19 -8.24 -21.67 15.14
CA LEU A 19 -7.53 -21.40 16.40
C LEU A 19 -8.51 -21.04 17.55
N ASN A 20 -8.17 -21.49 18.74
CA ASN A 20 -8.97 -21.51 19.99
C ASN A 20 -8.09 -20.98 21.12
N LEU A 21 -8.44 -19.83 21.72
CA LEU A 21 -7.71 -19.29 22.91
C LEU A 21 -8.54 -19.45 24.19
N ASP A 22 -9.51 -20.35 24.21
CA ASP A 22 -10.22 -20.76 25.45
C ASP A 22 -9.30 -21.62 26.29
N ASP A 23 -8.29 -22.26 25.70
CA ASP A 23 -7.35 -23.10 26.45
C ASP A 23 -5.94 -22.86 25.91
N VAL A 24 -5.28 -21.81 26.41
CA VAL A 24 -3.98 -21.37 25.86
C VAL A 24 -2.94 -22.47 26.03
N GLN A 25 -2.87 -23.12 27.21
CA GLN A 25 -1.96 -24.27 27.51
C GLN A 25 -2.10 -25.35 26.42
N ALA A 26 -3.31 -25.72 26.05
CA ALA A 26 -3.59 -26.75 25.02
C ALA A 26 -3.16 -26.26 23.65
N THR A 27 -3.35 -24.96 23.36
CA THR A 27 -2.99 -24.40 22.04
C THR A 27 -1.48 -24.40 21.89
N ARG A 28 -0.76 -24.03 22.94
CA ARG A 28 0.73 -24.01 22.88
C ARG A 28 1.25 -25.43 22.69
N LYS A 29 0.69 -26.39 23.43
CA LYS A 29 1.15 -27.79 23.38
C LYS A 29 0.94 -28.30 21.95
N ALA A 30 -0.22 -28.06 21.36
CA ALA A 30 -0.55 -28.42 19.96
C ALA A 30 0.46 -27.77 19.00
N MET A 31 0.77 -26.47 19.13
CA MET A 31 1.69 -25.77 18.20
C MET A 31 3.09 -26.38 18.30
N GLU A 32 3.51 -26.78 19.50
CA GLU A 32 4.87 -27.34 19.71
C GLU A 32 4.97 -28.73 19.05
N GLU A 33 3.92 -29.54 19.16
CA GLU A 33 3.81 -30.87 18.48
C GLU A 33 3.87 -30.67 16.97
N ALA A 34 3.12 -29.71 16.42
CA ALA A 34 3.16 -29.33 14.99
C ALA A 34 4.61 -28.98 14.60
N ALA A 35 5.30 -28.18 15.41
CA ALA A 35 6.66 -27.68 15.13
C ALA A 35 7.61 -28.87 14.99
N GLN A 36 7.49 -29.87 15.87
CA GLN A 36 8.36 -31.06 15.89
C GLN A 36 8.15 -31.90 14.63
N LEU A 37 7.01 -31.77 13.93
CA LEU A 37 6.68 -32.60 12.73
C LEU A 37 7.27 -31.92 11.48
N THR A 38 7.70 -30.67 11.60
CA THR A 38 7.99 -29.80 10.44
C THR A 38 9.37 -29.18 10.61
N GLU A 39 10.39 -29.95 11.00
CA GLU A 39 11.74 -29.37 11.30
C GLU A 39 12.42 -28.99 9.98
N LEU A 40 12.98 -27.77 9.91
CA LEU A 40 13.74 -27.27 8.73
C LEU A 40 15.01 -28.10 8.56
N PRO A 41 15.52 -28.25 7.30
CA PRO A 41 16.94 -28.55 7.11
C PRO A 41 17.85 -27.44 7.71
N VAL A 42 19.07 -27.80 8.13
CA VAL A 42 20.24 -26.86 8.18
C VAL A 42 20.30 -26.16 6.80
N ASP A 43 20.25 -24.82 6.72
CA ASP A 43 20.65 -24.05 5.51
C ASP A 43 22.14 -23.73 5.64
N GLU A 44 22.97 -24.20 4.72
CA GLU A 44 24.45 -24.14 4.91
C GLU A 44 24.94 -22.69 4.84
N GLU A 45 24.17 -21.72 4.34
CA GLU A 45 24.66 -20.32 4.22
C GLU A 45 24.32 -19.50 5.46
N VAL A 46 23.56 -20.07 6.42
CA VAL A 46 23.12 -19.31 7.61
C VAL A 46 23.43 -20.14 8.86
N VAL A 47 24.11 -19.54 9.83
N VAL A 47 24.11 -19.53 9.82
CA VAL A 47 24.49 -20.23 11.09
CA VAL A 47 24.51 -20.16 11.12
C VAL A 47 23.54 -19.70 12.17
C VAL A 47 23.51 -19.68 12.16
N VAL A 48 22.87 -20.62 12.86
CA VAL A 48 21.80 -20.30 13.83
C VAL A 48 22.24 -20.78 15.19
N SER A 49 22.09 -19.93 16.19
CA SER A 49 22.46 -20.26 17.59
C SER A 49 21.48 -19.63 18.54
N ASN A 50 21.41 -20.19 19.76
CA ASN A 50 20.64 -19.55 20.84
C ASN A 50 21.64 -18.94 21.82
N ARG A 51 21.21 -17.88 22.48
CA ARG A 51 22.03 -17.23 23.55
C ARG A 51 21.11 -16.75 24.63
N MET A 52 21.57 -16.85 25.89
N MET A 52 21.51 -16.87 25.92
CA MET A 52 20.91 -16.18 27.02
CA MET A 52 20.75 -16.19 26.99
C MET A 52 21.56 -14.81 27.22
C MET A 52 21.48 -14.89 27.33
N VAL A 53 20.75 -13.76 27.30
CA VAL A 53 21.27 -12.38 27.49
C VAL A 53 20.58 -11.76 28.68
N PRO A 54 21.21 -10.81 29.37
CA PRO A 54 20.56 -10.14 30.52
C PRO A 54 19.19 -9.63 30.11
N GLY A 55 18.19 -9.87 30.99
CA GLY A 55 16.86 -9.35 30.73
C GLY A 55 16.67 -7.97 31.36
N PRO A 56 15.40 -7.55 31.47
CA PRO A 56 15.04 -6.36 32.22
C PRO A 56 15.54 -6.54 33.66
N GLU A 57 15.94 -5.46 34.33
CA GLU A 57 16.44 -5.55 35.70
C GLU A 57 15.46 -6.36 36.57
N ASP A 58 16.00 -7.27 37.39
CA ASP A 58 15.23 -8.09 38.35
C ASP A 58 14.27 -9.08 37.67
N ASN A 59 14.42 -9.31 36.41
CA ASN A 59 13.62 -10.27 35.60
C ASN A 59 14.57 -11.32 35.00
N PRO A 60 13.98 -12.44 34.51
CA PRO A 60 14.83 -13.49 33.94
C PRO A 60 15.68 -13.00 32.74
N TYR A 61 16.82 -13.66 32.55
CA TYR A 61 17.57 -13.51 31.28
C TYR A 61 16.61 -13.88 30.14
N VAL A 62 16.86 -13.28 28.99
CA VAL A 62 16.04 -13.42 27.76
C VAL A 62 16.79 -14.33 26.80
N ARG A 63 16.11 -15.28 26.19
CA ARG A 63 16.72 -16.11 25.15
C ARG A 63 16.56 -15.37 23.83
N VAL A 64 17.63 -15.30 23.07
CA VAL A 64 17.57 -14.79 21.68
C VAL A 64 18.09 -15.89 20.77
N ARG A 65 17.58 -15.91 19.54
CA ARG A 65 18.00 -16.82 18.48
C ARG A 65 18.67 -15.97 17.39
N ILE A 66 19.94 -16.26 17.17
CA ILE A 66 20.82 -15.42 16.29
C ILE A 66 21.03 -16.17 14.98
N TYR A 67 20.82 -15.46 13.88
CA TYR A 67 21.02 -15.97 12.51
C TYR A 67 22.08 -15.09 11.84
N GLU A 68 23.14 -15.68 11.36
CA GLU A 68 24.20 -14.86 10.71
C GLU A 68 24.71 -15.59 9.48
N PRO A 69 25.29 -14.81 8.53
CA PRO A 69 25.91 -15.44 7.38
C PRO A 69 27.08 -16.33 7.81
N LYS A 70 27.28 -17.41 7.07
CA LYS A 70 28.40 -18.33 7.32
C LYS A 70 29.72 -17.59 7.07
N GLU A 71 29.77 -16.74 6.04
CA GLU A 71 30.97 -15.94 5.66
C GLU A 71 30.72 -14.46 5.98
N LYS A 72 31.48 -13.89 6.92
CA LYS A 72 31.48 -12.44 7.21
C LYS A 72 32.83 -11.85 6.84
N ILE A 73 32.84 -10.90 5.91
CA ILE A 73 34.08 -10.14 5.55
C ILE A 73 33.94 -8.69 6.00
N GLU A 74 32.77 -8.08 5.81
CA GLU A 74 32.56 -6.66 6.18
C GLU A 74 31.47 -6.59 7.23
N LYS A 75 31.31 -5.40 7.78
CA LYS A 75 30.35 -5.08 8.85
C LYS A 75 28.94 -5.15 8.26
N LEU A 76 28.01 -5.74 9.01
CA LEU A 76 26.66 -6.01 8.49
C LEU A 76 25.65 -5.19 9.27
N PRO A 77 24.50 -4.94 8.68
CA PRO A 77 23.37 -4.41 9.40
C PRO A 77 22.72 -5.50 10.28
N GLY A 78 21.83 -5.08 11.14
CA GLY A 78 21.13 -5.97 12.08
C GLY A 78 19.65 -5.82 12.00
N LEU A 79 18.93 -6.89 12.27
CA LEU A 79 17.46 -6.85 12.41
C LEU A 79 17.03 -7.60 13.68
N LEU A 80 16.46 -6.89 14.63
CA LEU A 80 15.75 -7.52 15.76
C LEU A 80 14.43 -8.05 15.25
N TRP A 81 14.17 -9.33 15.43
CA TRP A 81 12.92 -9.94 14.92
C TRP A 81 12.03 -10.32 16.10
N ILE A 82 10.72 -10.09 15.97
CA ILE A 82 9.77 -10.34 17.08
C ILE A 82 8.62 -11.17 16.50
N HIS A 83 8.52 -12.43 16.88
CA HIS A 83 7.49 -13.34 16.34
C HIS A 83 6.09 -12.89 16.80
N GLY A 84 5.07 -13.34 16.10
CA GLY A 84 3.67 -13.09 16.50
C GLY A 84 3.07 -14.25 17.29
N GLY A 85 1.75 -14.19 17.46
CA GLY A 85 1.03 -15.17 18.28
C GLY A 85 0.10 -14.54 19.28
N GLY A 86 -0.43 -13.37 19.03
CA GLY A 86 -1.50 -12.81 19.90
C GLY A 86 -1.08 -12.37 21.28
N TYR A 87 0.24 -12.29 21.52
CA TYR A 87 0.89 -12.00 22.81
C TYR A 87 0.92 -13.22 23.73
N VAL A 88 0.35 -14.36 23.32
CA VAL A 88 0.09 -15.50 24.22
C VAL A 88 0.68 -16.80 23.65
N LEU A 89 1.08 -16.82 22.36
CA LEU A 89 1.59 -18.03 21.69
C LEU A 89 2.94 -17.72 21.04
N GLY A 90 3.66 -18.81 20.71
CA GLY A 90 4.70 -18.72 19.68
C GLY A 90 6.09 -18.81 20.24
N ALA A 91 7.06 -18.94 19.32
CA ALA A 91 8.48 -19.06 19.69
C ALA A 91 9.31 -18.60 18.51
N PRO A 92 10.57 -18.17 18.71
CA PRO A 92 11.43 -17.79 17.57
C PRO A 92 11.56 -18.89 16.51
N GLU A 93 11.60 -20.15 16.90
CA GLU A 93 11.87 -21.26 15.96
C GLU A 93 10.82 -21.27 14.85
N GLY A 94 9.59 -20.83 15.15
CA GLY A 94 8.51 -20.79 14.16
C GLY A 94 8.87 -19.96 12.95
N ASP A 95 9.76 -18.98 13.11
CA ASP A 95 10.09 -18.03 12.00
C ASP A 95 11.51 -18.30 11.47
N ASP A 96 12.08 -19.47 11.64
CA ASP A 96 13.44 -19.78 11.15
C ASP A 96 13.51 -19.57 9.65
N LEU A 97 12.54 -20.05 8.86
CA LEU A 97 12.62 -19.91 7.39
C LEU A 97 12.75 -18.44 7.01
N LEU A 98 11.90 -17.60 7.54
CA LEU A 98 11.92 -16.16 7.16
C LEU A 98 13.21 -15.50 7.67
N CYS A 99 13.62 -15.79 8.91
CA CYS A 99 14.87 -15.17 9.43
C CYS A 99 16.06 -15.58 8.56
N GLN A 100 16.16 -16.86 8.14
CA GLN A 100 17.22 -17.31 7.24
C GLN A 100 17.13 -16.58 5.90
N ARG A 101 15.94 -16.32 5.42
CA ARG A 101 15.76 -15.56 4.15
C ARG A 101 16.26 -14.12 4.32
N PHE A 102 15.98 -13.45 5.44
CA PHE A 102 16.51 -12.08 5.68
C PHE A 102 18.04 -12.11 5.69
N VAL A 103 18.65 -13.11 6.34
CA VAL A 103 20.14 -13.18 6.36
C VAL A 103 20.67 -13.29 4.93
N LYS A 104 20.09 -14.18 4.14
CA LYS A 104 20.64 -14.50 2.80
C LYS A 104 20.38 -13.35 1.82
N GLU A 105 19.22 -12.71 1.89
CA GLU A 105 18.83 -11.69 0.88
C GLU A 105 19.25 -10.29 1.31
N ALA A 106 19.18 -9.96 2.60
CA ALA A 106 19.57 -8.62 3.11
C ALA A 106 21.04 -8.59 3.51
N ASN A 107 21.70 -9.76 3.64
CA ASN A 107 23.10 -9.86 4.14
C ASN A 107 23.16 -9.11 5.47
N CYS A 108 22.43 -9.64 6.46
CA CYS A 108 22.30 -9.02 7.79
C CYS A 108 22.41 -10.12 8.86
N VAL A 109 22.57 -9.69 10.10
CA VAL A 109 22.46 -10.56 11.30
C VAL A 109 21.07 -10.35 11.86
N VAL A 110 20.32 -11.45 12.08
CA VAL A 110 19.00 -11.39 12.73
C VAL A 110 19.13 -11.87 14.18
N VAL A 111 18.52 -11.11 15.07
CA VAL A 111 18.39 -11.50 16.51
C VAL A 111 16.88 -11.55 16.80
N SER A 112 16.39 -12.76 17.03
CA SER A 112 14.97 -13.03 17.26
C SER A 112 14.71 -13.25 18.75
N VAL A 113 13.73 -12.57 19.29
CA VAL A 113 13.48 -12.50 20.74
C VAL A 113 12.53 -13.60 21.18
N ASP A 114 12.94 -14.40 22.16
CA ASP A 114 12.04 -15.32 22.87
C ASP A 114 11.39 -14.61 24.06
N TYR A 115 10.51 -13.67 23.80
CA TYR A 115 9.92 -12.83 24.87
C TYR A 115 8.97 -13.69 25.69
N ARG A 116 8.86 -13.33 26.97
CA ARG A 116 7.86 -13.98 27.85
C ARG A 116 6.46 -13.75 27.32
N LEU A 117 5.59 -14.73 27.53
CA LEU A 117 4.21 -14.63 26.99
C LEU A 117 3.21 -14.30 28.08
N ALA A 118 2.13 -13.63 27.67
CA ALA A 118 0.91 -13.47 28.47
C ALA A 118 0.10 -14.76 28.38
N PRO A 119 -0.84 -15.07 29.29
CA PRO A 119 -1.22 -14.23 30.43
C PRO A 119 -0.23 -14.30 31.60
N GLU A 120 0.70 -15.27 31.58
CA GLU A 120 1.61 -15.48 32.74
C GLU A 120 2.43 -14.20 32.99
N HIS A 121 2.89 -13.59 31.91
CA HIS A 121 3.72 -12.38 31.92
C HIS A 121 3.08 -11.30 31.09
N PRO A 122 2.09 -10.58 31.64
CA PRO A 122 1.42 -9.54 30.89
C PRO A 122 2.30 -8.30 30.71
N TYR A 123 1.80 -7.38 29.91
CA TYR A 123 2.40 -6.03 29.74
C TYR A 123 2.82 -5.52 31.12
N PRO A 124 4.07 -4.97 31.30
CA PRO A 124 5.01 -4.71 30.22
C PRO A 124 6.08 -5.77 29.93
N ALA A 125 5.97 -6.98 30.48
CA ALA A 125 7.05 -7.99 30.42
C ALA A 125 7.48 -8.29 28.99
N PRO A 126 6.58 -8.61 28.04
CA PRO A 126 7.02 -8.99 26.69
C PRO A 126 7.79 -7.85 26.01
N LEU A 127 7.32 -6.61 26.16
CA LEU A 127 7.99 -5.45 25.54
C LEU A 127 9.34 -5.18 26.23
N GLU A 128 9.39 -5.28 27.55
CA GLU A 128 10.69 -5.06 28.24
C GLU A 128 11.67 -6.16 27.82
N ASP A 129 11.26 -7.41 27.58
CA ASP A 129 12.18 -8.44 27.09
C ASP A 129 12.74 -8.03 25.71
N CYS A 130 11.88 -7.52 24.83
CA CYS A 130 12.31 -7.05 23.49
C CYS A 130 13.32 -5.90 23.67
N TYR A 131 13.04 -4.95 24.54
CA TYR A 131 13.96 -3.82 24.80
C TYR A 131 15.30 -4.31 25.36
N ALA A 132 15.30 -5.24 26.31
CA ALA A 132 16.56 -5.84 26.84
C ALA A 132 17.35 -6.49 25.70
N ALA A 133 16.68 -7.21 24.80
CA ALA A 133 17.32 -7.90 23.66
C ALA A 133 17.93 -6.84 22.73
N LEU A 134 17.23 -5.75 22.49
CA LEU A 134 17.78 -4.64 21.65
C LEU A 134 18.99 -4.01 22.34
N GLN A 135 18.95 -3.79 23.65
CA GLN A 135 20.15 -3.26 24.36
C GLN A 135 21.33 -4.20 24.18
N TRP A 136 21.11 -5.50 24.37
CA TRP A 136 22.19 -6.49 24.22
C TRP A 136 22.72 -6.43 22.78
N PHE A 137 21.85 -6.40 21.79
CA PHE A 137 22.29 -6.42 20.38
C PHE A 137 23.21 -5.20 20.11
N ALA A 138 22.78 -4.02 20.53
CA ALA A 138 23.55 -2.77 20.30
C ALA A 138 24.88 -2.87 21.04
N LYS A 139 24.88 -3.42 22.25
CA LYS A 139 26.11 -3.52 23.06
C LYS A 139 27.10 -4.51 22.42
N LYS A 140 26.62 -5.54 21.72
CA LYS A 140 27.48 -6.66 21.25
C LYS A 140 27.77 -6.57 19.73
N VAL A 141 27.57 -5.41 19.13
CA VAL A 141 27.80 -5.25 17.66
C VAL A 141 29.25 -5.63 17.32
N ASP A 142 30.24 -5.32 18.19
CA ASP A 142 31.68 -5.72 18.05
C ASP A 142 31.75 -7.22 17.68
N GLU A 143 31.24 -8.05 18.60
CA GLU A 143 31.32 -9.52 18.58
C GLU A 143 30.50 -10.09 17.43
N LEU A 144 29.36 -9.47 17.09
CA LEU A 144 28.46 -9.93 16.01
C LEU A 144 28.91 -9.42 14.63
N GLY A 145 29.84 -8.47 14.56
CA GLY A 145 30.28 -7.92 13.26
C GLY A 145 29.18 -7.06 12.66
N VAL A 146 28.50 -6.28 13.50
CA VAL A 146 27.33 -5.48 13.09
C VAL A 146 27.64 -4.00 13.22
N ASP A 147 26.98 -3.19 12.38
CA ASP A 147 27.05 -1.72 12.42
C ASP A 147 25.87 -1.22 13.25
N ALA A 148 26.12 -0.58 14.40
CA ALA A 148 25.06 -0.18 15.35
C ALA A 148 24.16 0.91 14.76
N SER A 149 24.61 1.62 13.72
CA SER A 149 23.81 2.65 13.03
C SER A 149 22.89 2.00 12.00
N ARG A 150 22.95 0.67 11.85
CA ARG A 150 22.14 -0.04 10.84
C ARG A 150 21.39 -1.22 11.50
N ILE A 151 20.77 -0.96 12.65
CA ILE A 151 19.91 -1.97 13.32
C ILE A 151 18.46 -1.51 13.19
N GLY A 152 17.63 -2.40 12.69
CA GLY A 152 16.19 -2.18 12.68
C GLY A 152 15.47 -3.21 13.50
N VAL A 153 14.17 -3.09 13.56
CA VAL A 153 13.30 -4.06 14.27
C VAL A 153 12.12 -4.40 13.36
N GLY A 154 11.72 -5.66 13.39
CA GLY A 154 10.55 -6.07 12.61
C GLY A 154 9.82 -7.18 13.32
N GLY A 155 8.59 -7.40 12.89
CA GLY A 155 7.80 -8.55 13.40
C GLY A 155 6.48 -8.64 12.71
N GLN A 156 5.72 -9.65 13.07
CA GLN A 156 4.39 -9.89 12.46
C GLN A 156 3.33 -9.92 13.54
N SER A 157 2.18 -9.27 13.30
N SER A 157 2.18 -9.28 13.30
CA SER A 157 0.96 -9.42 14.12
CA SER A 157 0.96 -9.42 14.12
C SER A 157 1.25 -8.91 15.54
C SER A 157 1.24 -8.92 15.54
N ALA A 158 1.14 -9.72 16.59
CA ALA A 158 1.50 -9.26 17.94
C ALA A 158 2.98 -8.80 17.94
N GLY A 159 3.85 -9.49 17.19
CA GLY A 159 5.25 -9.11 17.04
C GLY A 159 5.40 -7.77 16.33
N GLY A 160 4.48 -7.47 15.41
CA GLY A 160 4.39 -6.14 14.79
C GLY A 160 3.97 -5.10 15.78
N GLY A 161 3.03 -5.40 16.66
CA GLY A 161 2.65 -4.50 17.76
C GLY A 161 3.83 -4.20 18.68
N LEU A 162 4.56 -5.27 19.05
CA LEU A 162 5.76 -5.10 19.88
C LEU A 162 6.81 -4.31 19.09
N THR A 163 6.94 -4.51 17.78
CA THR A 163 7.86 -3.68 16.95
C THR A 163 7.49 -2.20 17.08
N ALA A 164 6.24 -1.83 16.79
CA ALA A 164 5.82 -0.42 16.82
C ALA A 164 6.01 0.15 18.23
N ALA A 165 5.69 -0.61 19.28
CA ALA A 165 5.84 -0.21 20.69
C ALA A 165 7.31 -0.01 21.03
N LEU A 166 8.17 -0.90 20.52
CA LEU A 166 9.62 -0.83 20.83
C LEU A 166 10.23 0.39 20.14
N ALA A 167 9.79 0.75 18.93
CA ALA A 167 10.29 1.98 18.27
C ALA A 167 9.93 3.20 19.13
N LEU A 168 8.69 3.23 19.65
CA LEU A 168 8.24 4.33 20.55
C LEU A 168 9.07 4.30 21.83
N LEU A 169 9.27 3.13 22.42
CA LEU A 169 9.95 3.02 23.71
C LEU A 169 11.42 3.44 23.56
N ALA A 170 12.10 2.98 22.51
CA ALA A 170 13.51 3.34 22.29
C ALA A 170 13.63 4.84 21.99
N ARG A 171 12.68 5.41 21.26
CA ARG A 171 12.67 6.89 21.07
C ARG A 171 12.57 7.56 22.44
N ASP A 172 11.61 7.16 23.25
CA ASP A 172 11.25 7.84 24.51
C ASP A 172 12.40 7.67 25.53
N ARG A 173 13.13 6.56 25.48
CA ARG A 173 14.24 6.28 26.43
C ARG A 173 15.57 6.78 25.84
N LYS A 174 15.57 7.41 24.66
CA LYS A 174 16.82 7.79 23.93
C LYS A 174 17.69 6.54 23.87
N GLY A 175 16.99 5.40 23.68
CA GLY A 175 17.22 3.93 23.87
C GLY A 175 18.16 3.60 22.75
N PRO A 176 18.48 2.33 22.40
CA PRO A 176 19.38 2.10 21.26
C PRO A 176 18.75 2.69 19.99
N GLU A 177 19.61 3.19 19.11
N GLU A 177 19.62 3.19 19.12
CA GLU A 177 19.18 3.81 17.83
CA GLU A 177 19.27 3.75 17.79
C GLU A 177 18.62 2.72 16.90
C GLU A 177 18.61 2.68 16.92
N LEU A 178 17.51 3.02 16.25
CA LEU A 178 16.86 2.11 15.28
C LEU A 178 16.80 2.86 13.96
N CYS A 179 17.23 2.22 12.88
CA CYS A 179 17.26 2.88 11.56
C CYS A 179 16.01 2.51 10.74
N PHE A 180 15.20 1.59 11.25
CA PHE A 180 14.10 0.99 10.47
C PHE A 180 13.14 0.29 11.42
N GLN A 181 11.84 0.38 11.15
CA GLN A 181 10.85 -0.45 11.85
C GLN A 181 9.94 -1.12 10.80
N MET A 182 9.67 -2.40 11.00
CA MET A 182 8.82 -3.18 10.08
C MET A 182 7.72 -3.87 10.86
N PRO A 183 6.73 -3.11 11.35
CA PRO A 183 5.61 -3.68 12.12
C PRO A 183 4.55 -4.26 11.19
N LEU A 184 4.76 -5.46 10.69
CA LEU A 184 3.89 -6.10 9.66
C LEU A 184 2.54 -6.42 10.28
N TYR A 185 1.46 -6.00 9.61
CA TYR A 185 0.05 -6.29 9.99
C TYR A 185 -0.08 -6.33 11.51
N PRO A 186 0.19 -5.20 12.17
CA PRO A 186 0.48 -5.21 13.59
C PRO A 186 -0.77 -5.12 14.47
N MET A 187 -0.73 -5.84 15.59
CA MET A 187 -1.78 -5.87 16.60
C MET A 187 -1.52 -4.69 17.54
N ILE A 188 -2.14 -3.54 17.28
CA ILE A 188 -1.78 -2.28 17.99
C ILE A 188 -2.98 -1.61 18.66
N ASP A 189 -4.21 -1.99 18.36
CA ASP A 189 -5.41 -1.30 18.88
C ASP A 189 -6.19 -2.24 19.82
N ASP A 190 -5.99 -2.06 21.12
CA ASP A 190 -6.63 -2.91 22.13
C ASP A 190 -8.13 -2.71 22.18
N LYS A 191 -8.67 -1.59 21.64
CA LYS A 191 -10.12 -1.34 21.73
C LYS A 191 -10.91 -2.33 20.86
N ASN A 192 -10.29 -2.89 19.83
CA ASN A 192 -10.95 -3.97 19.04
C ASN A 192 -12.31 -3.50 18.53
N ASN A 193 -12.41 -2.24 18.08
CA ASN A 193 -13.72 -1.67 17.69
C ASN A 193 -13.63 -0.99 16.33
N SER A 194 -12.56 -1.18 15.57
CA SER A 194 -12.54 -0.66 14.19
C SER A 194 -13.54 -1.49 13.37
N PRO A 195 -14.07 -0.95 12.25
CA PRO A 195 -14.97 -1.75 11.41
C PRO A 195 -14.32 -3.07 10.95
N SER A 196 -13.07 -3.04 10.54
CA SER A 196 -12.42 -4.28 10.04
C SER A 196 -12.27 -5.28 11.20
N SER A 197 -11.97 -4.81 12.40
CA SER A 197 -11.76 -5.69 13.56
C SER A 197 -13.09 -6.36 13.92
N LEU A 198 -14.20 -5.68 13.77
CA LEU A 198 -15.53 -6.20 14.11
C LEU A 198 -16.01 -7.15 13.00
N GLU A 199 -15.63 -6.87 11.76
CA GLU A 199 -16.23 -7.55 10.60
C GLU A 199 -15.67 -8.98 10.48
N ILE A 200 -14.42 -9.17 10.87
CA ILE A 200 -13.76 -10.47 10.61
C ILE A 200 -14.12 -11.36 11.78
N THR A 201 -15.03 -12.30 11.58
CA THR A 201 -15.56 -13.09 12.71
C THR A 201 -15.25 -14.57 12.62
N GLY A 202 -15.02 -15.11 11.45
CA GLY A 202 -15.08 -16.60 11.50
C GLY A 202 -13.69 -17.17 11.44
N ASN A 203 -13.57 -18.27 10.72
CA ASN A 203 -12.30 -18.96 10.45
C ASN A 203 -11.50 -18.19 9.39
N LEU A 204 -10.88 -17.06 9.75
CA LEU A 204 -9.98 -16.33 8.85
C LEU A 204 -8.68 -16.09 9.59
N ILE A 205 -8.22 -17.12 10.34
CA ILE A 205 -6.89 -17.15 10.99
C ILE A 205 -6.83 -16.25 12.25
N TRP A 206 -7.17 -14.98 12.17
CA TRP A 206 -7.38 -14.11 13.35
C TRP A 206 -8.75 -13.43 13.16
N ASN A 207 -9.45 -13.17 14.22
CA ASN A 207 -10.82 -12.61 14.16
C ASN A 207 -11.05 -11.77 15.41
N HIS A 208 -12.23 -11.18 15.48
CA HIS A 208 -12.56 -10.25 16.60
C HIS A 208 -12.43 -10.96 17.94
N ASP A 209 -12.94 -12.18 18.03
CA ASP A 209 -13.02 -12.90 19.32
C ASP A 209 -11.59 -13.27 19.76
N LEU A 210 -10.76 -13.72 18.86
CA LEU A 210 -9.36 -14.08 19.20
C LEU A 210 -8.66 -12.79 19.65
N ASN A 211 -8.86 -11.71 18.91
CA ASN A 211 -8.20 -10.43 19.23
C ASN A 211 -8.58 -9.98 20.63
N GLU A 212 -9.86 -10.11 21.00
CA GLU A 212 -10.36 -9.73 22.32
C GLU A 212 -9.60 -10.54 23.38
N LYS A 213 -9.48 -11.86 23.16
CA LYS A 213 -8.81 -12.74 24.17
C LYS A 213 -7.33 -12.40 24.25
N GLY A 214 -6.63 -12.23 23.13
CA GLY A 214 -5.21 -11.87 23.19
C GLY A 214 -4.97 -10.54 23.92
N TRP A 215 -5.74 -9.52 23.61
CA TRP A 215 -5.58 -8.21 24.29
C TRP A 215 -5.93 -8.36 25.77
N SER A 216 -6.99 -9.09 26.12
CA SER A 216 -7.37 -9.26 27.53
C SER A 216 -6.20 -9.92 28.31
N MET A 217 -5.55 -10.90 27.71
CA MET A 217 -4.45 -11.61 28.40
C MET A 217 -3.22 -10.71 28.45
N TYR A 218 -2.89 -10.00 27.38
CA TYR A 218 -1.72 -9.11 27.36
C TYR A 218 -1.89 -7.97 28.38
N LEU A 219 -3.10 -7.46 28.55
CA LEU A 219 -3.36 -6.26 29.39
C LEU A 219 -4.07 -6.59 30.69
N ASP A 220 -4.09 -7.87 31.09
CA ASP A 220 -4.70 -8.32 32.35
C ASP A 220 -6.09 -7.70 32.52
N GLY A 221 -6.90 -7.75 31.49
CA GLY A 221 -8.29 -7.32 31.53
C GLY A 221 -8.50 -5.81 31.42
N LYS A 222 -7.47 -5.01 31.16
CA LYS A 222 -7.62 -3.54 31.01
C LYS A 222 -7.80 -3.12 29.56
N ASN A 223 -7.83 -4.07 28.64
CA ASN A 223 -8.07 -3.81 27.21
C ASN A 223 -9.32 -2.97 27.04
N GLY A 224 -9.21 -1.92 26.22
CA GLY A 224 -10.36 -1.07 25.90
C GLY A 224 -10.62 0.01 26.92
N THR A 225 -9.94 0.00 28.07
CA THR A 225 -10.22 1.00 29.15
C THR A 225 -9.33 2.23 28.97
N ASP A 226 -9.53 3.28 29.78
CA ASP A 226 -8.62 4.47 29.75
C ASP A 226 -7.25 4.13 30.37
N ASP A 227 -7.11 3.00 31.09
CA ASP A 227 -5.89 2.61 31.86
C ASP A 227 -4.96 1.75 31.01
N VAL A 228 -4.65 2.22 29.79
CA VAL A 228 -3.74 1.50 28.89
C VAL A 228 -2.74 2.50 28.32
N PRO A 229 -1.44 2.32 28.57
CA PRO A 229 -0.43 3.26 28.06
C PRO A 229 -0.12 3.04 26.59
N VAL A 230 0.41 4.08 25.96
CA VAL A 230 0.77 4.05 24.53
C VAL A 230 1.71 2.89 24.27
N HIS A 231 2.67 2.60 25.16
CA HIS A 231 3.63 1.50 24.89
C HIS A 231 2.95 0.13 24.90
N ALA A 232 1.77 0.02 25.50
CA ALA A 232 1.00 -1.27 25.48
C ALA A 232 0.20 -1.41 24.20
N ALA A 233 -0.24 -0.30 23.62
CA ALA A 233 -1.14 -0.30 22.45
C ALA A 233 -0.84 0.92 21.61
N PRO A 234 0.11 0.79 20.66
CA PRO A 234 0.57 1.95 19.89
C PRO A 234 -0.50 2.72 19.09
N ALA A 235 -1.66 2.13 18.86
CA ALA A 235 -2.77 2.88 18.25
C ALA A 235 -3.12 4.10 19.10
N ARG A 236 -2.86 4.06 20.41
CA ARG A 236 -3.20 5.17 21.31
C ARG A 236 -2.19 6.33 21.19
N ALA A 237 -1.08 6.16 20.48
CA ALA A 237 -0.05 7.21 20.36
C ALA A 237 -0.65 8.45 19.72
N THR A 238 -0.31 9.59 20.24
CA THR A 238 -0.72 10.86 19.57
C THR A 238 0.54 11.52 18.97
N ASP A 239 1.72 11.26 19.52
CA ASP A 239 2.99 11.84 19.03
C ASP A 239 3.80 10.74 18.35
N LEU A 240 3.74 10.70 17.02
CA LEU A 240 4.51 9.73 16.23
C LEU A 240 5.74 10.38 15.58
N THR A 241 6.15 11.56 16.03
CA THR A 241 7.33 12.23 15.45
C THR A 241 8.61 11.47 15.78
N ASN A 242 9.63 11.61 14.93
N ASN A 242 9.61 11.61 14.91
CA ASN A 242 11.01 11.12 15.19
CA ASN A 242 11.01 11.18 15.17
C ASN A 242 10.97 9.60 15.44
C ASN A 242 11.09 9.64 15.24
N LEU A 243 10.16 8.90 14.66
CA LEU A 243 10.23 7.43 14.60
C LEU A 243 10.98 7.02 13.34
N PRO A 244 11.50 5.79 13.34
CA PRO A 244 12.26 5.31 12.20
C PRO A 244 11.40 5.09 10.96
N TYR A 245 12.07 5.18 9.81
CA TYR A 245 11.54 4.71 8.50
C TYR A 245 10.75 3.42 8.72
N THR A 246 9.51 3.38 8.20
CA THR A 246 8.54 2.31 8.45
C THR A 246 8.17 1.60 7.13
N TYR A 247 8.20 0.28 7.16
CA TYR A 247 7.53 -0.54 6.12
C TYR A 247 6.46 -1.34 6.85
N THR A 248 5.25 -1.34 6.32
CA THR A 248 4.23 -2.30 6.80
C THR A 248 3.32 -2.68 5.66
N CYS A 249 2.56 -3.74 5.89
CA CYS A 249 1.62 -4.25 4.92
C CYS A 249 0.52 -4.97 5.66
N VAL A 250 -0.60 -5.18 4.99
CA VAL A 250 -1.75 -5.88 5.63
C VAL A 250 -2.62 -6.40 4.49
N GLY A 251 -3.28 -7.54 4.69
CA GLY A 251 -4.32 -8.00 3.80
C GLY A 251 -5.66 -7.33 4.08
N GLN A 252 -6.46 -7.13 3.05
CA GLN A 252 -7.69 -6.36 3.29
C GLN A 252 -8.70 -7.15 4.15
N LEU A 253 -8.55 -8.46 4.23
CA LEU A 253 -9.44 -9.29 5.10
C LEU A 253 -8.84 -9.58 6.46
N ASP A 254 -7.75 -8.93 6.82
CA ASP A 254 -7.16 -9.03 8.18
C ASP A 254 -7.93 -8.12 9.12
N PRO A 255 -8.34 -8.55 10.33
CA PRO A 255 -8.98 -7.60 11.24
C PRO A 255 -8.17 -6.33 11.51
N PHE A 256 -6.85 -6.44 11.38
CA PHE A 256 -5.97 -5.31 11.66
C PHE A 256 -5.92 -4.33 10.49
N ARG A 257 -6.68 -4.52 9.44
CA ARG A 257 -6.60 -3.62 8.26
C ARG A 257 -6.78 -2.16 8.73
N ASP A 258 -7.88 -1.85 9.37
CA ASP A 258 -8.22 -0.44 9.65
C ASP A 258 -7.20 0.15 10.63
N GLU A 259 -6.77 -0.56 11.67
CA GLU A 259 -5.79 0.06 12.63
C GLU A 259 -4.47 0.27 11.92
N THR A 260 -4.11 -0.60 10.96
CA THR A 260 -2.86 -0.48 10.20
C THR A 260 -2.93 0.76 9.29
N LEU A 261 -4.04 0.93 8.57
CA LEU A 261 -4.25 2.11 7.70
C LEU A 261 -4.15 3.37 8.52
N ASP A 262 -4.78 3.38 9.70
N ASP A 262 -4.77 3.38 9.70
CA ASP A 262 -4.82 4.58 10.57
CA ASP A 262 -4.82 4.58 10.56
C ASP A 262 -3.41 4.88 11.07
C ASP A 262 -3.40 4.89 11.06
N TYR A 263 -2.64 3.85 11.45
CA TYR A 263 -1.28 4.10 11.97
C TYR A 263 -0.39 4.69 10.87
N VAL A 264 -0.50 4.10 9.69
CA VAL A 264 0.24 4.60 8.49
C VAL A 264 -0.12 6.05 8.26
N LYS A 265 -1.40 6.40 8.22
CA LYS A 265 -1.84 7.80 7.97
C LYS A 265 -1.17 8.73 8.97
N ARG A 266 -1.21 8.35 10.25
CA ARG A 266 -0.69 9.23 11.35
C ARG A 266 0.83 9.29 11.31
N LEU A 267 1.50 8.20 10.94
CA LEU A 267 2.97 8.25 10.83
C LEU A 267 3.33 9.25 9.74
N CYS A 268 2.64 9.21 8.60
CA CYS A 268 3.00 10.12 7.50
C CYS A 268 2.77 11.57 7.94
N GLN A 269 1.66 11.85 8.60
CA GLN A 269 1.32 13.19 9.12
C GLN A 269 2.38 13.69 10.14
N ALA A 270 3.06 12.78 10.82
CA ALA A 270 4.13 13.10 11.79
C ALA A 270 5.50 13.25 11.09
N GLY A 271 5.58 13.13 9.77
CA GLY A 271 6.84 13.34 9.02
C GLY A 271 7.73 12.10 9.03
N VAL A 272 7.22 10.93 9.36
CA VAL A 272 7.91 9.63 9.29
C VAL A 272 7.80 9.13 7.84
N ASP A 273 8.88 8.61 7.29
CA ASP A 273 8.91 8.00 5.95
C ASP A 273 8.29 6.62 6.07
N VAL A 274 7.31 6.35 5.18
CA VAL A 274 6.50 5.12 5.27
C VAL A 274 6.34 4.52 3.87
N GLU A 275 6.52 3.19 3.79
CA GLU A 275 6.04 2.41 2.63
C GLU A 275 4.95 1.47 3.18
N PHE A 276 3.80 1.42 2.51
CA PHE A 276 2.68 0.62 3.02
C PHE A 276 2.04 -0.06 1.81
N HIS A 277 1.68 -1.34 1.98
CA HIS A 277 1.00 -2.09 0.92
C HIS A 277 -0.23 -2.82 1.52
N LEU A 278 -1.40 -2.58 0.95
CA LEU A 278 -2.66 -3.28 1.27
C LEU A 278 -2.86 -4.29 0.13
N TYR A 279 -2.98 -5.58 0.51
CA TYR A 279 -3.15 -6.68 -0.46
C TYR A 279 -4.58 -7.16 -0.56
N PRO A 280 -5.07 -7.32 -1.79
CA PRO A 280 -6.47 -7.64 -2.02
C PRO A 280 -6.76 -9.11 -1.69
N GLY A 281 -7.98 -9.39 -1.20
CA GLY A 281 -8.49 -10.77 -1.09
C GLY A 281 -7.68 -11.61 -0.11
N ALA A 282 -6.93 -10.99 0.77
CA ALA A 282 -5.90 -11.65 1.60
C ALA A 282 -6.23 -11.48 3.08
N TYR A 283 -6.26 -12.61 3.80
CA TYR A 283 -6.52 -12.65 5.25
C TYR A 283 -5.22 -12.64 6.05
N HIS A 284 -5.34 -12.52 7.37
CA HIS A 284 -4.20 -12.47 8.31
C HIS A 284 -3.25 -13.67 8.13
N GLY A 285 -1.96 -13.41 7.97
CA GLY A 285 -0.96 -14.48 7.86
C GLY A 285 -0.99 -15.19 6.53
N PHE A 286 -1.64 -14.62 5.50
CA PHE A 286 -1.81 -15.28 4.22
C PHE A 286 -0.48 -15.81 3.69
N GLU A 287 0.55 -14.99 3.79
CA GLU A 287 1.81 -15.26 3.07
C GLU A 287 2.65 -16.34 3.75
N THR A 288 2.40 -16.56 5.04
N THR A 288 2.41 -16.55 5.04
CA THR A 288 3.07 -17.63 5.81
CA THR A 288 3.05 -17.65 5.81
C THR A 288 2.31 -18.95 5.61
C THR A 288 2.31 -18.96 5.56
N LEU A 289 0.97 -18.90 5.54
CA LEU A 289 0.15 -20.11 5.41
C LEU A 289 0.12 -20.61 3.96
N ASN A 290 0.28 -19.72 2.95
CA ASN A 290 0.09 -20.04 1.52
C ASN A 290 1.34 -19.67 0.72
N PRO A 291 2.51 -20.28 0.99
CA PRO A 291 3.75 -19.87 0.33
C PRO A 291 3.71 -20.01 -1.20
N ALA A 292 2.83 -20.87 -1.76
CA ALA A 292 2.78 -21.13 -3.22
C ALA A 292 1.95 -20.04 -3.92
N ALA A 293 1.18 -19.25 -3.21
CA ALA A 293 0.25 -18.29 -3.84
C ALA A 293 1.02 -17.11 -4.45
N ALA A 294 0.62 -16.63 -5.61
CA ALA A 294 1.29 -15.47 -6.26
C ALA A 294 1.28 -14.26 -5.33
N VAL A 295 0.16 -13.96 -4.65
CA VAL A 295 0.09 -12.79 -3.77
C VAL A 295 1.06 -12.94 -2.57
N SER A 296 1.19 -14.15 -2.02
CA SER A 296 2.13 -14.46 -0.94
C SER A 296 3.56 -14.20 -1.41
N GLN A 297 3.91 -14.68 -2.56
CA GLN A 297 5.29 -14.56 -3.07
C GLN A 297 5.62 -13.07 -3.33
N ARG A 298 4.66 -12.29 -3.82
CA ARG A 298 4.84 -10.83 -4.05
C ARG A 298 5.06 -10.15 -2.69
N ALA A 299 4.24 -10.49 -1.69
CA ALA A 299 4.28 -9.85 -0.38
C ALA A 299 5.63 -10.17 0.29
N LEU A 300 6.04 -11.45 0.27
CA LEU A 300 7.29 -11.86 0.98
C LEU A 300 8.47 -11.15 0.27
N ALA A 301 8.49 -11.18 -1.04
CA ALA A 301 9.60 -10.57 -1.78
C ALA A 301 9.71 -9.07 -1.46
N GLU A 302 8.57 -8.43 -1.30
CA GLU A 302 8.56 -6.96 -1.05
C GLU A 302 9.08 -6.65 0.33
N TYR A 303 8.64 -7.36 1.37
CA TYR A 303 9.10 -6.99 2.72
C TYR A 303 10.51 -7.52 3.01
N VAL A 304 10.95 -8.62 2.39
CA VAL A 304 12.38 -9.00 2.46
C VAL A 304 13.18 -7.89 1.75
N GLY A 305 12.69 -7.42 0.61
CA GLY A 305 13.37 -6.37 -0.16
C GLY A 305 13.42 -5.05 0.61
N ALA A 306 12.41 -4.75 1.41
CA ALA A 306 12.41 -3.52 2.27
C ALA A 306 13.56 -3.63 3.28
N VAL A 307 13.68 -4.78 3.95
CA VAL A 307 14.80 -5.00 4.90
C VAL A 307 16.14 -4.78 4.15
N LYS A 308 16.31 -5.39 2.99
CA LYS A 308 17.54 -5.29 2.21
C LYS A 308 17.83 -3.82 1.89
N HIS A 309 16.85 -3.11 1.35
CA HIS A 309 17.06 -1.71 0.89
C HIS A 309 17.38 -0.82 2.06
N VAL A 310 16.53 -0.80 3.07
CA VAL A 310 16.63 0.23 4.14
C VAL A 310 17.88 -0.04 5.00
N LEU A 311 18.13 -1.29 5.35
CA LEU A 311 19.28 -1.58 6.24
C LEU A 311 20.59 -1.31 5.51
N ASN A 312 20.66 -1.35 4.16
CA ASN A 312 21.93 -1.23 3.40
C ASN A 312 22.06 0.13 2.69
N ARG A 313 21.13 1.06 2.86
CA ARG A 313 21.17 2.28 2.00
C ARG A 313 22.30 3.21 2.45
N GLU A 314 22.75 4.11 1.55
CA GLU A 314 24.02 4.88 1.70
C GLU A 314 24.05 5.77 2.95
N MET B 1 11.37 19.23 4.16
CA MET B 1 12.79 18.70 4.09
C MET B 1 12.98 17.94 2.76
N LYS B 2 13.64 18.55 1.78
CA LYS B 2 14.03 17.92 0.48
C LYS B 2 14.92 16.69 0.69
N ASN B 3 15.62 16.58 1.82
CA ASN B 3 16.31 15.32 2.20
C ASN B 3 15.32 14.14 2.25
N ARG B 4 14.01 14.36 2.37
CA ARG B 4 13.02 13.23 2.37
C ARG B 4 12.69 12.75 0.97
N ILE B 5 13.08 13.48 -0.06
CA ILE B 5 12.87 13.02 -1.47
C ILE B 5 13.91 11.94 -1.81
N ASP B 6 13.46 10.83 -2.37
CA ASP B 6 14.33 9.74 -2.86
C ASP B 6 15.41 10.37 -3.73
N PRO B 7 16.70 10.14 -3.46
CA PRO B 7 17.78 10.70 -4.28
C PRO B 7 17.61 10.52 -5.80
N GLU B 8 17.01 9.41 -6.24
CA GLU B 8 16.88 9.11 -7.69
C GLU B 8 15.79 9.99 -8.32
N LEU B 9 15.01 10.70 -7.50
CA LEU B 9 13.92 11.59 -8.00
C LEU B 9 14.31 13.08 -7.94
N ARG B 10 15.48 13.44 -7.40
CA ARG B 10 15.80 14.86 -7.11
C ARG B 10 16.13 15.64 -8.38
N ALA B 11 16.90 15.05 -9.28
CA ALA B 11 17.53 15.82 -10.40
C ALA B 11 16.42 16.32 -11.35
N MET B 12 15.43 15.49 -11.65
CA MET B 12 14.31 15.89 -12.57
C MET B 12 13.47 16.99 -11.92
N LEU B 13 13.35 16.99 -10.61
CA LEU B 13 12.54 17.98 -9.88
C LEU B 13 13.16 19.37 -9.98
N ASP B 14 14.50 19.48 -10.03
CA ASP B 14 15.21 20.78 -10.21
C ASP B 14 15.14 21.23 -11.66
N MET B 15 14.97 20.33 -12.63
CA MET B 15 14.84 20.68 -14.08
C MET B 15 13.37 21.03 -14.34
N PHE B 16 12.43 20.51 -13.54
CA PHE B 16 10.98 20.73 -13.77
C PHE B 16 10.72 22.23 -13.58
N PRO B 17 10.31 22.99 -14.63
CA PRO B 17 10.01 24.41 -14.43
C PRO B 17 8.62 24.41 -13.76
N PRO B 18 8.44 25.11 -12.61
CA PRO B 18 7.20 24.98 -11.85
C PRO B 18 5.97 25.30 -12.70
N LEU B 19 4.95 24.44 -12.65
CA LEU B 19 3.71 24.69 -13.41
C LEU B 19 3.01 25.97 -12.91
N ASN B 20 2.44 26.73 -13.84
CA ASN B 20 1.70 27.99 -13.65
C ASN B 20 0.32 27.83 -14.30
N LEU B 21 -0.75 27.89 -13.50
CA LEU B 21 -2.15 27.81 -13.99
C LEU B 21 -2.82 29.19 -13.93
N ASP B 22 -2.06 30.26 -13.88
CA ASP B 22 -2.63 31.64 -13.94
C ASP B 22 -3.06 31.94 -15.38
N ASP B 23 -2.47 31.29 -16.37
CA ASP B 23 -2.89 31.47 -17.78
C ASP B 23 -2.91 30.10 -18.46
N VAL B 24 -4.02 29.38 -18.32
CA VAL B 24 -4.11 27.99 -18.79
C VAL B 24 -3.96 27.93 -20.32
N GLN B 25 -4.61 28.84 -21.04
CA GLN B 25 -4.52 28.94 -22.53
C GLN B 25 -3.06 29.03 -22.96
N ALA B 26 -2.26 29.87 -22.29
CA ALA B 26 -0.82 30.05 -22.60
C ALA B 26 -0.05 28.76 -22.26
N THR B 27 -0.40 28.10 -21.16
CA THR B 27 0.32 26.87 -20.71
C THR B 27 0.05 25.74 -21.73
N ARG B 28 -1.19 25.61 -22.23
CA ARG B 28 -1.52 24.58 -23.22
C ARG B 28 -0.78 24.85 -24.53
N LYS B 29 -0.78 26.10 -24.96
CA LYS B 29 -0.11 26.50 -26.23
C LYS B 29 1.37 26.10 -26.13
N ALA B 30 2.03 26.43 -25.01
CA ALA B 30 3.44 26.06 -24.71
C ALA B 30 3.61 24.53 -24.78
N MET B 31 2.75 23.75 -24.12
CA MET B 31 2.90 22.27 -24.06
C MET B 31 2.74 21.66 -25.46
N GLU B 32 1.85 22.22 -26.29
CA GLU B 32 1.58 21.71 -27.64
C GLU B 32 2.80 21.98 -28.54
N GLU B 33 3.42 23.15 -28.43
CA GLU B 33 4.65 23.52 -29.17
C GLU B 33 5.78 22.58 -28.74
N ALA B 34 5.95 22.31 -27.45
CA ALA B 34 6.92 21.30 -26.95
C ALA B 34 6.67 19.95 -27.64
N ALA B 35 5.42 19.50 -27.68
CA ALA B 35 5.02 18.20 -28.27
C ALA B 35 5.44 18.14 -29.75
N GLN B 36 5.23 19.22 -30.49
CA GLN B 36 5.55 19.32 -31.95
C GLN B 36 7.06 19.19 -32.18
N LEU B 37 7.91 19.46 -31.17
CA LEU B 37 9.39 19.43 -31.32
C LEU B 37 9.90 17.99 -31.12
N THR B 38 9.03 17.09 -30.65
CA THR B 38 9.36 15.67 -30.37
C THR B 38 8.38 14.77 -31.14
N GLU B 39 8.86 13.74 -31.86
CA GLU B 39 7.99 12.70 -32.49
C GLU B 39 7.37 11.83 -31.40
N LEU B 40 6.09 11.50 -31.53
CA LEU B 40 5.32 10.58 -30.62
C LEU B 40 5.97 9.19 -30.62
N PRO B 41 5.99 8.48 -29.46
CA PRO B 41 6.48 7.11 -29.43
C PRO B 41 5.60 6.22 -30.34
N VAL B 42 6.24 5.46 -31.23
CA VAL B 42 5.62 4.40 -32.07
C VAL B 42 6.06 3.03 -31.50
N ASP B 43 5.37 1.97 -31.91
CA ASP B 43 5.69 0.59 -31.45
C ASP B 43 5.12 -0.40 -32.45
N GLU B 44 5.96 -1.25 -33.05
CA GLU B 44 5.51 -2.17 -34.11
C GLU B 44 4.52 -3.22 -33.56
N GLU B 45 4.42 -3.45 -32.24
CA GLU B 45 3.48 -4.47 -31.70
C GLU B 45 2.11 -3.86 -31.37
N VAL B 46 1.93 -2.55 -31.54
CA VAL B 46 0.69 -1.83 -31.16
C VAL B 46 0.21 -0.96 -32.32
N VAL B 47 -1.06 -1.09 -32.68
CA VAL B 47 -1.69 -0.33 -33.80
C VAL B 47 -2.54 0.75 -33.15
N VAL B 48 -2.32 2.01 -33.54
CA VAL B 48 -2.99 3.18 -32.91
C VAL B 48 -3.91 3.83 -33.94
N SER B 49 -5.12 4.14 -33.54
CA SER B 49 -6.15 4.71 -34.43
C SER B 49 -6.92 5.79 -33.63
N ASN B 50 -7.63 6.66 -34.34
CA ASN B 50 -8.46 7.67 -33.66
C ASN B 50 -9.88 7.52 -34.21
N ARG B 51 -10.89 7.61 -33.35
CA ARG B 51 -12.31 7.54 -33.76
C ARG B 51 -13.10 8.64 -33.09
N MET B 52 -14.09 9.15 -33.79
CA MET B 52 -15.11 10.05 -33.21
C MET B 52 -16.31 9.20 -32.81
N VAL B 53 -16.75 9.33 -31.56
CA VAL B 53 -17.89 8.53 -31.02
C VAL B 53 -18.95 9.50 -30.51
N PRO B 54 -20.20 9.04 -30.42
CA PRO B 54 -21.27 9.92 -29.98
C PRO B 54 -20.97 10.43 -28.57
N GLY B 55 -21.14 11.73 -28.37
CA GLY B 55 -20.91 12.35 -27.05
C GLY B 55 -22.21 12.47 -26.28
N PRO B 56 -22.17 13.19 -25.14
CA PRO B 56 -23.39 13.54 -24.42
C PRO B 56 -24.19 14.50 -25.30
N GLU B 57 -25.41 14.83 -24.91
CA GLU B 57 -26.20 15.86 -25.64
C GLU B 57 -25.31 17.10 -25.95
N ASP B 58 -24.47 17.48 -24.98
CA ASP B 58 -23.67 18.73 -24.91
C ASP B 58 -22.65 18.89 -26.05
N ASN B 59 -22.26 17.83 -26.74
CA ASN B 59 -20.96 17.78 -27.45
C ASN B 59 -21.03 16.54 -28.32
N PRO B 60 -21.84 16.62 -29.39
CA PRO B 60 -22.23 15.42 -30.14
C PRO B 60 -21.13 14.41 -30.49
N TYR B 61 -19.84 14.81 -30.54
CA TYR B 61 -18.76 13.82 -30.81
C TYR B 61 -17.54 14.01 -29.90
N VAL B 62 -17.06 12.88 -29.40
CA VAL B 62 -15.87 12.78 -28.52
C VAL B 62 -14.82 11.96 -29.27
N ARG B 63 -13.58 12.44 -29.31
CA ARG B 63 -12.50 11.66 -29.93
C ARG B 63 -11.98 10.66 -28.90
N VAL B 64 -11.77 9.43 -29.34
CA VAL B 64 -11.01 8.42 -28.56
C VAL B 64 -9.80 7.98 -29.39
N ARG B 65 -8.74 7.67 -28.66
CA ARG B 65 -7.50 7.14 -29.25
C ARG B 65 -7.39 5.69 -28.83
N ILE B 66 -7.26 4.79 -29.81
CA ILE B 66 -7.45 3.34 -29.62
C ILE B 66 -6.12 2.66 -29.90
N TYR B 67 -5.67 1.84 -28.96
CA TYR B 67 -4.41 1.08 -29.03
C TYR B 67 -4.76 -0.40 -28.99
N GLU B 68 -4.29 -1.18 -29.95
CA GLU B 68 -4.56 -2.63 -29.89
C GLU B 68 -3.35 -3.40 -30.33
N PRO B 69 -3.31 -4.70 -30.00
CA PRO B 69 -2.25 -5.57 -30.49
C PRO B 69 -2.26 -5.67 -32.01
N LYS B 70 -1.07 -5.77 -32.59
CA LYS B 70 -0.88 -6.02 -34.04
C LYS B 70 -1.58 -7.33 -34.42
N GLU B 71 -1.40 -8.36 -33.60
CA GLU B 71 -1.97 -9.71 -33.81
C GLU B 71 -3.06 -9.95 -32.77
N LYS B 72 -4.33 -9.99 -33.19
CA LYS B 72 -5.48 -10.34 -32.32
C LYS B 72 -6.07 -11.65 -32.85
N ILE B 73 -5.94 -12.73 -32.08
CA ILE B 73 -6.37 -14.09 -32.52
C ILE B 73 -7.44 -14.58 -31.53
N GLU B 74 -7.77 -13.78 -30.52
CA GLU B 74 -8.81 -14.14 -29.53
C GLU B 74 -9.38 -12.84 -28.95
N LYS B 75 -10.44 -12.99 -28.18
CA LYS B 75 -11.17 -11.88 -27.54
C LYS B 75 -10.32 -11.33 -26.41
N LEU B 76 -10.21 -10.01 -26.31
CA LEU B 76 -9.31 -9.38 -25.35
C LEU B 76 -10.14 -8.60 -24.35
N PRO B 77 -9.58 -8.34 -23.17
CA PRO B 77 -10.12 -7.36 -22.25
C PRO B 77 -9.89 -5.94 -22.76
N GLY B 78 -10.57 -4.99 -22.14
CA GLY B 78 -10.51 -3.58 -22.53
C GLY B 78 -10.19 -2.68 -21.37
N LEU B 79 -9.44 -1.60 -21.63
CA LEU B 79 -9.16 -0.57 -20.62
C LEU B 79 -9.52 0.80 -21.18
N LEU B 80 -10.49 1.48 -20.58
CA LEU B 80 -10.75 2.90 -20.85
C LEU B 80 -9.71 3.70 -20.08
N TRP B 81 -8.94 4.53 -20.78
CA TRP B 81 -7.86 5.27 -20.14
C TRP B 81 -8.24 6.76 -20.13
N ILE B 82 -7.96 7.43 -19.04
CA ILE B 82 -8.31 8.86 -18.84
C ILE B 82 -7.06 9.63 -18.42
N HIS B 83 -6.52 10.47 -19.31
CA HIS B 83 -5.25 11.17 -18.98
C HIS B 83 -5.46 12.16 -17.84
N GLY B 84 -4.36 12.58 -17.20
CA GLY B 84 -4.43 13.64 -16.18
C GLY B 84 -4.10 15.02 -16.72
N GLY B 85 -3.87 15.96 -15.83
CA GLY B 85 -3.68 17.37 -16.20
C GLY B 85 -4.52 18.35 -15.41
N GLY B 86 -4.94 18.01 -14.19
CA GLY B 86 -5.58 19.02 -13.30
C GLY B 86 -6.98 19.40 -13.74
N TYR B 87 -7.59 18.66 -14.69
CA TYR B 87 -8.90 18.93 -15.31
C TYR B 87 -8.79 20.02 -16.38
N VAL B 88 -7.61 20.62 -16.60
CA VAL B 88 -7.48 21.85 -17.43
C VAL B 88 -6.41 21.68 -18.51
N LEU B 89 -5.59 20.64 -18.46
CA LEU B 89 -4.49 20.39 -19.43
C LEU B 89 -4.57 18.97 -19.99
N GLY B 90 -3.89 18.75 -21.12
CA GLY B 90 -3.54 17.38 -21.50
C GLY B 90 -4.31 16.87 -22.71
N ALA B 91 -3.86 15.76 -23.25
CA ALA B 91 -4.46 15.09 -24.41
C ALA B 91 -4.06 13.62 -24.36
N PRO B 92 -4.81 12.71 -25.01
CA PRO B 92 -4.45 11.28 -24.98
C PRO B 92 -3.01 11.04 -25.45
N GLU B 93 -2.54 11.78 -26.44
CA GLU B 93 -1.19 11.58 -27.06
C GLU B 93 -0.10 11.59 -25.99
N GLY B 94 -0.27 12.36 -24.92
CA GLY B 94 0.76 12.43 -23.85
C GLY B 94 1.00 11.08 -23.21
N ASP B 95 0.04 10.15 -23.29
CA ASP B 95 0.13 8.85 -22.60
C ASP B 95 0.35 7.70 -23.61
N ASP B 96 0.80 7.97 -24.82
CA ASP B 96 0.99 6.92 -25.84
C ASP B 96 1.93 5.83 -25.31
N LEU B 97 3.04 6.19 -24.69
CA LEU B 97 4.03 5.17 -24.27
C LEU B 97 3.38 4.23 -23.25
N LEU B 98 2.71 4.77 -22.26
CA LEU B 98 2.11 3.91 -21.21
C LEU B 98 0.95 3.08 -21.84
N CYS B 99 0.11 3.68 -22.69
CA CYS B 99 -1.00 2.89 -23.30
C CYS B 99 -0.41 1.73 -24.12
N GLN B 100 0.68 1.97 -24.86
CA GLN B 100 1.33 0.89 -25.66
C GLN B 100 1.82 -0.20 -24.68
N ARG B 101 2.32 0.21 -23.52
CA ARG B 101 2.79 -0.78 -22.51
C ARG B 101 1.62 -1.63 -22.01
N PHE B 102 0.46 -1.03 -21.74
CA PHE B 102 -0.72 -1.81 -21.27
C PHE B 102 -1.10 -2.81 -22.35
N VAL B 103 -1.10 -2.38 -23.65
CA VAL B 103 -1.48 -3.31 -24.72
C VAL B 103 -0.54 -4.51 -24.72
N LYS B 104 0.76 -4.25 -24.66
CA LYS B 104 1.78 -5.29 -24.85
C LYS B 104 1.80 -6.23 -23.65
N GLU B 105 1.70 -5.70 -22.44
CA GLU B 105 1.88 -6.51 -21.20
C GLU B 105 0.55 -7.11 -20.73
N ALA B 106 -0.57 -6.41 -20.85
CA ALA B 106 -1.91 -6.94 -20.43
C ALA B 106 -2.62 -7.65 -21.58
N ASN B 107 -2.14 -7.49 -22.81
CA ASN B 107 -2.79 -8.07 -24.00
C ASN B 107 -4.26 -7.61 -24.01
N CYS B 108 -4.44 -6.30 -24.15
CA CYS B 108 -5.74 -5.64 -24.07
C CYS B 108 -5.86 -4.59 -25.17
N VAL B 109 -7.07 -4.11 -25.36
CA VAL B 109 -7.40 -2.93 -26.20
C VAL B 109 -7.56 -1.75 -25.25
N VAL B 110 -6.85 -0.64 -25.51
CA VAL B 110 -6.98 0.58 -24.72
C VAL B 110 -7.76 1.60 -25.54
N VAL B 111 -8.75 2.20 -24.90
CA VAL B 111 -9.55 3.33 -25.47
C VAL B 111 -9.31 4.56 -24.58
N SER B 112 -8.57 5.53 -25.09
CA SER B 112 -8.14 6.72 -24.33
C SER B 112 -8.99 7.92 -24.69
N VAL B 113 -9.60 8.58 -23.71
CA VAL B 113 -10.63 9.60 -23.96
C VAL B 113 -10.01 10.99 -24.15
N ASP B 114 -10.35 11.66 -25.26
CA ASP B 114 -10.04 13.10 -25.44
C ASP B 114 -11.19 13.95 -24.89
N TYR B 115 -11.30 14.01 -23.58
CA TYR B 115 -12.44 14.67 -22.91
C TYR B 115 -12.23 16.18 -23.02
N ARG B 116 -13.34 16.94 -23.07
CA ARG B 116 -13.29 18.41 -23.03
C ARG B 116 -12.63 18.87 -21.72
N LEU B 117 -11.90 20.00 -21.77
CA LEU B 117 -11.17 20.50 -20.58
C LEU B 117 -11.88 21.72 -19.98
N ALA B 118 -11.75 21.86 -18.68
CA ALA B 118 -12.07 23.08 -17.91
C ALA B 118 -10.97 24.10 -18.19
N PRO B 119 -11.19 25.42 -17.98
CA PRO B 119 -12.46 25.97 -17.49
C PRO B 119 -13.51 26.17 -18.61
N GLU B 120 -13.12 26.00 -19.87
CA GLU B 120 -14.06 26.22 -21.01
C GLU B 120 -15.26 25.26 -20.88
N HIS B 121 -15.00 24.04 -20.46
CA HIS B 121 -16.04 23.00 -20.26
C HIS B 121 -15.93 22.42 -18.83
N PRO B 122 -16.49 23.11 -17.83
CA PRO B 122 -16.42 22.62 -16.46
C PRO B 122 -17.32 21.40 -16.23
N TYR B 123 -17.19 20.83 -15.05
CA TYR B 123 -18.08 19.74 -14.59
C TYR B 123 -19.53 20.10 -14.97
N PRO B 124 -20.36 19.20 -15.53
CA PRO B 124 -20.02 17.78 -15.73
C PRO B 124 -19.38 17.37 -17.06
N ALA B 125 -19.01 18.30 -17.92
CA ALA B 125 -18.60 18.00 -19.31
C ALA B 125 -17.51 16.93 -19.39
N PRO B 126 -16.35 17.06 -18.69
CA PRO B 126 -15.28 16.09 -18.84
C PRO B 126 -15.76 14.67 -18.50
N LEU B 127 -16.52 14.52 -17.41
CA LEU B 127 -16.99 13.19 -16.95
C LEU B 127 -18.02 12.67 -17.96
N GLU B 128 -18.94 13.49 -18.43
CA GLU B 128 -19.95 13.01 -19.40
C GLU B 128 -19.25 12.56 -20.69
N ASP B 129 -18.16 13.21 -21.12
CA ASP B 129 -17.44 12.74 -22.32
C ASP B 129 -16.86 11.34 -22.04
N CYS B 130 -16.29 11.14 -20.84
CA CYS B 130 -15.73 9.82 -20.46
C CYS B 130 -16.85 8.77 -20.45
N TYR B 131 -18.00 9.10 -19.87
CA TYR B 131 -19.15 8.17 -19.82
C TYR B 131 -19.63 7.83 -21.25
N ALA B 132 -19.72 8.80 -22.15
CA ALA B 132 -20.13 8.56 -23.55
C ALA B 132 -19.13 7.61 -24.23
N ALA B 133 -17.84 7.81 -23.99
CA ALA B 133 -16.77 6.95 -24.52
C ALA B 133 -16.94 5.54 -23.99
N LEU B 134 -17.22 5.39 -22.70
CA LEU B 134 -17.44 4.04 -22.11
C LEU B 134 -18.67 3.40 -22.73
N GLN B 135 -19.75 4.13 -22.92
CA GLN B 135 -20.95 3.56 -23.57
C GLN B 135 -20.60 3.02 -24.97
N TRP B 136 -19.87 3.83 -25.75
CA TRP B 136 -19.47 3.42 -27.10
C TRP B 136 -18.59 2.17 -27.01
N PHE B 137 -17.63 2.13 -26.12
CA PHE B 137 -16.71 0.98 -26.00
C PHE B 137 -17.53 -0.30 -25.75
N ALA B 138 -18.44 -0.26 -24.79
CA ALA B 138 -19.33 -1.42 -24.48
C ALA B 138 -20.16 -1.81 -25.69
N LYS B 139 -20.70 -0.83 -26.41
CA LYS B 139 -21.54 -1.06 -27.58
C LYS B 139 -20.73 -1.76 -28.69
N LYS B 140 -19.45 -1.44 -28.85
CA LYS B 140 -18.65 -1.86 -30.03
C LYS B 140 -17.68 -3.00 -29.70
N VAL B 141 -17.90 -3.74 -28.61
CA VAL B 141 -17.00 -4.86 -28.23
C VAL B 141 -16.86 -5.86 -29.36
N ASP B 142 -17.89 -6.19 -30.13
CA ASP B 142 -17.74 -7.25 -31.18
C ASP B 142 -16.78 -6.74 -32.25
N GLU B 143 -16.95 -5.47 -32.66
CA GLU B 143 -16.12 -4.81 -33.71
C GLU B 143 -14.67 -4.68 -33.22
N LEU B 144 -14.45 -4.43 -31.94
CA LEU B 144 -13.10 -4.22 -31.34
C LEU B 144 -12.46 -5.56 -30.94
N GLY B 145 -13.23 -6.63 -30.87
CA GLY B 145 -12.70 -7.94 -30.46
C GLY B 145 -12.45 -7.95 -28.97
N VAL B 146 -13.34 -7.30 -28.22
CA VAL B 146 -13.22 -7.16 -26.76
C VAL B 146 -14.33 -7.95 -26.05
N ASP B 147 -14.05 -8.36 -24.83
CA ASP B 147 -15.04 -9.01 -23.94
C ASP B 147 -15.67 -7.94 -23.04
N ALA B 148 -16.99 -7.70 -23.17
CA ALA B 148 -17.70 -6.62 -22.42
C ALA B 148 -17.65 -6.84 -20.90
N SER B 149 -17.43 -8.08 -20.47
CA SER B 149 -17.36 -8.43 -19.02
C SER B 149 -15.95 -8.20 -18.49
N ARG B 150 -15.04 -7.73 -19.34
CA ARG B 150 -13.63 -7.52 -18.93
C ARG B 150 -13.17 -6.14 -19.43
N ILE B 151 -13.97 -5.12 -19.15
CA ILE B 151 -13.59 -3.69 -19.38
C ILE B 151 -13.37 -3.02 -18.05
N GLY B 152 -12.22 -2.38 -17.94
CA GLY B 152 -11.81 -1.59 -16.78
C GLY B 152 -11.68 -0.13 -17.18
N VAL B 153 -11.47 0.70 -16.19
CA VAL B 153 -11.14 2.12 -16.39
C VAL B 153 -9.96 2.48 -15.54
N GLY B 154 -9.06 3.31 -16.05
CA GLY B 154 -7.91 3.78 -15.29
C GLY B 154 -7.52 5.17 -15.69
N GLY B 155 -6.74 5.82 -14.86
CA GLY B 155 -6.14 7.12 -15.19
C GLY B 155 -5.25 7.60 -14.09
N GLN B 156 -4.59 8.72 -14.33
CA GLN B 156 -3.67 9.30 -13.33
C GLN B 156 -4.18 10.69 -12.90
N SER B 157 -4.11 11.00 -11.60
N SER B 157 -4.15 10.97 -11.61
CA SER B 157 -4.27 12.38 -11.06
CA SER B 157 -4.30 12.36 -11.08
C SER B 157 -5.68 12.86 -11.39
C SER B 157 -5.70 12.85 -11.40
N ALA B 158 -5.88 13.94 -12.16
CA ALA B 158 -7.26 14.34 -12.53
C ALA B 158 -7.93 13.19 -13.28
N GLY B 159 -7.19 12.43 -14.11
CA GLY B 159 -7.72 11.25 -14.81
C GLY B 159 -8.11 10.15 -13.84
N GLY B 160 -7.39 10.03 -12.73
CA GLY B 160 -7.78 9.13 -11.64
C GLY B 160 -9.04 9.59 -10.97
N GLY B 161 -9.21 10.89 -10.76
CA GLY B 161 -10.47 11.39 -10.23
C GLY B 161 -11.63 11.10 -11.15
N LEU B 162 -11.45 11.34 -12.45
CA LEU B 162 -12.49 11.00 -13.44
C LEU B 162 -12.73 9.47 -13.44
N THR B 163 -11.69 8.66 -13.26
CA THR B 163 -11.85 7.18 -13.15
C THR B 163 -12.78 6.83 -11.99
N ALA B 164 -12.48 7.34 -10.79
CA ALA B 164 -13.27 7.05 -9.59
C ALA B 164 -14.70 7.55 -9.79
N ALA B 165 -14.88 8.74 -10.35
CA ALA B 165 -16.20 9.35 -10.60
C ALA B 165 -16.97 8.49 -11.62
N LEU B 166 -16.29 8.02 -12.67
CA LEU B 166 -16.95 7.25 -13.74
C LEU B 166 -17.40 5.89 -13.17
N ALA B 167 -16.60 5.25 -12.29
CA ALA B 167 -17.08 3.99 -11.64
C ALA B 167 -18.35 4.26 -10.82
N LEU B 168 -18.41 5.37 -10.06
CA LEU B 168 -19.63 5.74 -9.33
C LEU B 168 -20.77 6.04 -10.30
N LEU B 169 -20.51 6.77 -11.38
CA LEU B 169 -21.58 7.17 -12.30
C LEU B 169 -22.13 5.95 -13.03
N ALA B 170 -21.27 5.04 -13.49
CA ALA B 170 -21.72 3.82 -14.18
C ALA B 170 -22.49 2.91 -13.22
N ARG B 171 -22.06 2.83 -11.97
CA ARG B 171 -22.85 2.10 -10.95
C ARG B 171 -24.24 2.71 -10.85
N ASP B 172 -24.30 4.03 -10.66
CA ASP B 172 -25.56 4.77 -10.32
C ASP B 172 -26.51 4.70 -11.49
N ARG B 173 -25.99 4.70 -12.71
CA ARG B 173 -26.80 4.67 -13.95
C ARG B 173 -27.07 3.23 -14.41
N LYS B 174 -26.61 2.22 -13.66
CA LYS B 174 -26.67 0.80 -14.05
C LYS B 174 -26.13 0.71 -15.48
N GLY B 175 -25.08 1.54 -15.68
CA GLY B 175 -24.36 2.07 -16.87
C GLY B 175 -23.53 0.90 -17.31
N PRO B 176 -22.56 1.01 -18.25
CA PRO B 176 -21.85 -0.18 -18.70
C PRO B 176 -21.11 -0.81 -17.51
N GLU B 177 -21.02 -2.11 -17.53
CA GLU B 177 -20.34 -2.90 -16.47
C GLU B 177 -18.83 -2.63 -16.50
N LEU B 178 -18.22 -2.41 -15.34
CA LEU B 178 -16.77 -2.22 -15.20
C LEU B 178 -16.25 -3.34 -14.29
N CYS B 179 -15.19 -4.02 -14.69
N CYS B 179 -15.21 -4.03 -14.74
CA CYS B 179 -14.63 -5.15 -13.90
CA CYS B 179 -14.54 -5.17 -14.06
C CYS B 179 -13.44 -4.68 -13.07
C CYS B 179 -13.54 -4.62 -13.02
N PHE B 180 -13.01 -3.43 -13.26
CA PHE B 180 -11.77 -2.94 -12.62
C PHE B 180 -11.77 -1.42 -12.66
N GLN B 181 -11.31 -0.77 -11.62
CA GLN B 181 -11.03 0.68 -11.67
C GLN B 181 -9.61 0.91 -11.16
N MET B 182 -8.87 1.75 -11.87
CA MET B 182 -7.47 2.05 -11.47
C MET B 182 -7.31 3.55 -11.38
N PRO B 183 -7.84 4.16 -10.30
CA PRO B 183 -7.74 5.62 -10.11
C PRO B 183 -6.42 5.99 -9.44
N LEU B 184 -5.35 6.05 -10.21
CA LEU B 184 -3.97 6.24 -9.68
C LEU B 184 -3.85 7.66 -9.09
N TYR B 185 -3.35 7.77 -7.86
CA TYR B 185 -3.08 9.05 -7.15
C TYR B 185 -4.09 10.11 -7.57
N PRO B 186 -5.36 9.84 -7.25
CA PRO B 186 -6.47 10.55 -7.88
C PRO B 186 -6.81 11.87 -7.22
N MET B 187 -7.15 12.84 -8.06
CA MET B 187 -7.60 14.16 -7.63
C MET B 187 -9.11 14.08 -7.35
N ILE B 188 -9.49 13.83 -6.10
CA ILE B 188 -10.89 13.49 -5.75
C ILE B 188 -11.47 14.37 -4.66
N ASP B 189 -10.69 15.17 -3.95
CA ASP B 189 -11.18 15.97 -2.80
C ASP B 189 -11.08 17.46 -3.12
N ASP B 190 -12.20 18.07 -3.53
CA ASP B 190 -12.20 19.51 -3.92
C ASP B 190 -11.99 20.44 -2.73
N LYS B 191 -12.14 19.98 -1.49
CA LYS B 191 -11.94 20.83 -0.31
C LYS B 191 -10.46 21.22 -0.15
N ASN B 192 -9.53 20.42 -0.66
CA ASN B 192 -8.09 20.81 -0.68
C ASN B 192 -7.64 21.19 0.74
N ASN B 193 -8.04 20.43 1.77
CA ASN B 193 -7.77 20.82 3.16
C ASN B 193 -7.24 19.67 4.02
N SER B 194 -6.94 18.53 3.41
CA SER B 194 -6.36 17.38 4.14
C SER B 194 -4.99 17.78 4.67
N PRO B 195 -4.47 17.09 5.71
CA PRO B 195 -3.10 17.38 6.13
C PRO B 195 -2.06 17.25 5.00
N SER B 196 -2.13 16.24 4.17
CA SER B 196 -1.13 16.07 3.07
C SER B 196 -1.24 17.25 2.07
N SER B 197 -2.44 17.76 1.83
CA SER B 197 -2.62 18.89 0.89
C SER B 197 -1.90 20.13 1.46
N LEU B 198 -2.03 20.37 2.77
CA LEU B 198 -1.43 21.57 3.41
C LEU B 198 0.08 21.38 3.58
N GLU B 199 0.55 20.14 3.62
CA GLU B 199 1.97 19.77 3.81
C GLU B 199 2.73 20.08 2.52
N ILE B 200 2.13 19.80 1.39
CA ILE B 200 2.87 19.82 0.09
C ILE B 200 2.56 21.15 -0.58
N THR B 201 3.43 22.12 -0.34
CA THR B 201 3.21 23.51 -0.82
C THR B 201 4.25 23.93 -1.84
N GLY B 202 5.39 23.25 -1.91
CA GLY B 202 6.52 23.76 -2.70
C GLY B 202 6.50 23.22 -4.11
N ASN B 203 7.66 23.29 -4.77
CA ASN B 203 7.84 22.78 -6.15
C ASN B 203 8.00 21.27 -6.10
N LEU B 204 6.89 20.55 -5.91
CA LEU B 204 6.88 19.06 -5.88
C LEU B 204 5.91 18.56 -6.95
N ILE B 205 5.89 19.25 -8.11
CA ILE B 205 5.09 18.92 -9.32
C ILE B 205 3.63 19.36 -9.15
N TRP B 206 2.93 18.87 -8.13
CA TRP B 206 1.58 19.34 -7.75
C TRP B 206 1.64 19.73 -6.28
N ASN B 207 0.82 20.69 -5.89
CA ASN B 207 0.86 21.25 -4.53
C ASN B 207 -0.51 21.83 -4.23
N HIS B 208 -0.64 22.31 -3.01
CA HIS B 208 -1.89 22.92 -2.51
C HIS B 208 -2.39 24.04 -3.46
N ASP B 209 -1.51 24.93 -3.87
CA ASP B 209 -1.94 26.12 -4.68
C ASP B 209 -2.42 25.68 -6.07
N LEU B 210 -1.71 24.76 -6.71
CA LEU B 210 -2.15 24.26 -8.04
C LEU B 210 -3.47 23.51 -7.88
N ASN B 211 -3.58 22.70 -6.85
CA ASN B 211 -4.80 21.92 -6.62
C ASN B 211 -6.01 22.85 -6.47
N GLU B 212 -5.84 23.95 -5.75
N GLU B 212 -5.86 23.96 -5.75
CA GLU B 212 -6.93 24.94 -5.57
CA GLU B 212 -7.01 24.90 -5.60
C GLU B 212 -7.35 25.47 -6.96
C GLU B 212 -7.38 25.44 -6.99
N LYS B 213 -6.38 25.79 -7.80
CA LYS B 213 -6.67 26.37 -9.15
C LYS B 213 -7.37 25.33 -10.03
N GLY B 214 -6.87 24.10 -10.12
CA GLY B 214 -7.52 23.05 -10.92
C GLY B 214 -8.97 22.82 -10.48
N TRP B 215 -9.19 22.67 -9.18
CA TRP B 215 -10.58 22.46 -8.68
C TRP B 215 -11.46 23.67 -8.98
N SER B 216 -10.95 24.88 -8.79
CA SER B 216 -11.76 26.10 -9.03
C SER B 216 -12.20 26.14 -10.51
N MET B 217 -11.31 25.73 -11.42
CA MET B 217 -11.64 25.76 -12.85
C MET B 217 -12.59 24.60 -13.18
N TYR B 218 -12.36 23.40 -12.63
CA TYR B 218 -13.25 22.24 -12.91
C TYR B 218 -14.67 22.53 -12.40
N LEU B 219 -14.81 23.22 -11.27
CA LEU B 219 -16.13 23.39 -10.58
C LEU B 219 -16.63 24.83 -10.67
N ASP B 220 -16.05 25.63 -11.54
CA ASP B 220 -16.46 27.02 -11.80
C ASP B 220 -16.63 27.77 -10.47
N GLY B 221 -15.65 27.68 -9.59
CA GLY B 221 -15.62 28.49 -8.35
C GLY B 221 -16.44 27.90 -7.20
N LYS B 222 -17.07 26.73 -7.37
N LYS B 222 -17.05 26.72 -7.39
CA LYS B 222 -17.89 26.12 -6.29
CA LYS B 222 -17.91 26.06 -6.36
C LYS B 222 -17.09 25.08 -5.50
C LYS B 222 -17.07 25.12 -5.48
N ASN B 223 -15.79 24.91 -5.82
CA ASN B 223 -14.90 24.03 -5.03
C ASN B 223 -15.00 24.37 -3.54
N GLY B 224 -15.16 23.35 -2.72
CA GLY B 224 -15.18 23.47 -1.26
C GLY B 224 -16.56 23.78 -0.73
N THR B 225 -17.55 24.08 -1.58
CA THR B 225 -18.90 24.47 -1.09
C THR B 225 -19.82 23.24 -0.93
N ASP B 226 -21.04 23.41 -0.41
CA ASP B 226 -22.03 22.30 -0.31
C ASP B 226 -22.61 22.00 -1.71
N ASP B 227 -22.35 22.84 -2.72
CA ASP B 227 -22.90 22.81 -4.11
C ASP B 227 -22.05 21.91 -5.03
N VAL B 228 -21.50 20.82 -4.50
CA VAL B 228 -20.59 19.94 -5.30
C VAL B 228 -21.09 18.51 -5.18
N PRO B 229 -21.53 17.91 -6.29
CA PRO B 229 -22.02 16.54 -6.28
C PRO B 229 -20.90 15.51 -6.12
N VAL B 230 -21.28 14.33 -5.64
CA VAL B 230 -20.32 13.21 -5.47
C VAL B 230 -19.63 12.92 -6.80
N HIS B 231 -20.32 12.98 -7.94
CA HIS B 231 -19.66 12.62 -9.22
C HIS B 231 -18.63 13.68 -9.63
N ALA B 232 -18.67 14.88 -9.07
CA ALA B 232 -17.64 15.92 -9.33
C ALA B 232 -16.42 15.69 -8.42
N ALA B 233 -16.61 15.16 -7.23
CA ALA B 233 -15.55 14.99 -6.23
C ALA B 233 -15.82 13.74 -5.42
N PRO B 234 -15.29 12.61 -5.88
CA PRO B 234 -15.57 11.32 -5.24
C PRO B 234 -15.24 11.20 -3.76
N ALA B 235 -14.35 12.06 -3.23
CA ALA B 235 -14.09 12.10 -1.77
C ALA B 235 -15.39 12.33 -0.99
N ARG B 236 -16.40 12.97 -1.58
CA ARG B 236 -17.68 13.29 -0.93
C ARG B 236 -18.58 12.04 -0.87
N ALA B 237 -18.24 10.95 -1.58
CA ALA B 237 -19.15 9.77 -1.62
C ALA B 237 -19.28 9.20 -0.20
N THR B 238 -20.47 8.83 0.21
CA THR B 238 -20.62 8.08 1.48
C THR B 238 -20.98 6.63 1.14
N ASP B 239 -21.54 6.35 -0.05
CA ASP B 239 -21.90 4.96 -0.43
C ASP B 239 -20.91 4.47 -1.48
N LEU B 240 -19.92 3.67 -1.08
CA LEU B 240 -18.92 3.08 -1.99
C LEU B 240 -19.21 1.60 -2.26
N THR B 241 -20.40 1.13 -1.97
CA THR B 241 -20.77 -0.29 -2.18
C THR B 241 -20.85 -0.62 -3.68
N ASN B 242 -20.59 -1.87 -4.02
CA ASN B 242 -20.82 -2.41 -5.38
C ASN B 242 -19.94 -1.72 -6.42
N LEU B 243 -18.81 -1.19 -6.05
CA LEU B 243 -17.83 -0.62 -7.02
C LEU B 243 -16.84 -1.71 -7.41
N PRO B 244 -16.22 -1.55 -8.60
CA PRO B 244 -15.33 -2.55 -9.11
C PRO B 244 -14.03 -2.66 -8.28
N TYR B 245 -13.45 -3.83 -8.40
CA TYR B 245 -12.08 -4.13 -7.89
C TYR B 245 -11.24 -2.89 -8.17
N THR B 246 -10.51 -2.40 -7.16
CA THR B 246 -9.73 -1.16 -7.27
C THR B 246 -8.23 -1.44 -7.08
N TYR B 247 -7.39 -0.86 -7.92
CA TYR B 247 -5.95 -0.69 -7.64
C TYR B 247 -5.69 0.80 -7.58
N THR B 248 -4.95 1.26 -6.59
CA THR B 248 -4.42 2.61 -6.60
C THR B 248 -3.10 2.67 -5.87
N CYS B 249 -2.40 3.78 -6.08
CA CYS B 249 -1.13 4.02 -5.42
C CYS B 249 -0.92 5.51 -5.31
N VAL B 250 -0.02 5.89 -4.42
CA VAL B 250 0.31 7.32 -4.25
C VAL B 250 1.68 7.40 -3.61
N GLY B 251 2.43 8.44 -3.95
CA GLY B 251 3.67 8.79 -3.25
C GLY B 251 3.39 9.54 -1.96
N GLN B 252 4.20 9.33 -0.94
CA GLN B 252 3.94 9.97 0.37
C GLN B 252 4.01 11.50 0.25
N LEU B 253 4.82 12.02 -0.69
CA LEU B 253 5.04 13.50 -0.80
C LEU B 253 4.12 14.06 -1.90
N ASP B 254 3.03 13.40 -2.21
CA ASP B 254 1.96 13.87 -3.08
C ASP B 254 0.90 14.52 -2.20
N PRO B 255 0.38 15.73 -2.52
CA PRO B 255 -0.74 16.27 -1.76
C PRO B 255 -1.97 15.35 -1.69
N PHE B 256 -2.13 14.44 -2.65
CA PHE B 256 -3.29 13.55 -2.67
C PHE B 256 -3.12 12.36 -1.71
N ARG B 257 -2.03 12.31 -0.95
CA ARG B 257 -1.79 11.11 -0.07
C ARG B 257 -2.99 10.84 0.82
N ASP B 258 -3.42 11.82 1.60
CA ASP B 258 -4.49 11.59 2.59
C ASP B 258 -5.80 11.28 1.89
N GLU B 259 -6.18 11.97 0.82
CA GLU B 259 -7.52 11.68 0.22
C GLU B 259 -7.51 10.28 -0.41
N THR B 260 -6.34 9.82 -0.88
CA THR B 260 -6.18 8.49 -1.49
C THR B 260 -6.32 7.43 -0.38
N LEU B 261 -5.62 7.63 0.73
CA LEU B 261 -5.71 6.69 1.88
C LEU B 261 -7.14 6.61 2.36
N ASP B 262 -7.82 7.76 2.48
CA ASP B 262 -9.18 7.79 3.05
C ASP B 262 -10.14 7.07 2.07
N TYR B 263 -9.97 7.28 0.77
CA TYR B 263 -10.87 6.62 -0.20
C TYR B 263 -10.65 5.10 -0.18
N VAL B 264 -9.39 4.69 -0.11
CA VAL B 264 -9.04 3.26 0.04
C VAL B 264 -9.74 2.69 1.28
N LYS B 265 -9.59 3.34 2.43
CA LYS B 265 -10.20 2.83 3.65
C LYS B 265 -11.72 2.65 3.46
N ARG B 266 -12.38 3.65 2.89
N ARG B 266 -12.39 3.64 2.90
CA ARG B 266 -13.86 3.64 2.74
CA ARG B 266 -13.87 3.60 2.75
C ARG B 266 -14.27 2.56 1.70
C ARG B 266 -14.25 2.50 1.74
N LEU B 267 -13.51 2.37 0.65
CA LEU B 267 -13.77 1.29 -0.33
C LEU B 267 -13.74 -0.05 0.40
N CYS B 268 -12.68 -0.29 1.17
CA CYS B 268 -12.55 -1.58 1.89
C CYS B 268 -13.75 -1.75 2.83
N GLN B 269 -14.12 -0.72 3.59
CA GLN B 269 -15.24 -0.80 4.53
C GLN B 269 -16.57 -1.10 3.82
N ALA B 270 -16.68 -0.68 2.58
CA ALA B 270 -17.87 -0.93 1.72
C ALA B 270 -17.81 -2.32 1.05
N GLY B 271 -16.79 -3.14 1.31
CA GLY B 271 -16.73 -4.50 0.76
C GLY B 271 -16.20 -4.59 -0.67
N VAL B 272 -15.53 -3.58 -1.13
CA VAL B 272 -14.84 -3.50 -2.46
C VAL B 272 -13.46 -4.19 -2.30
N ASP B 273 -13.05 -5.01 -3.26
CA ASP B 273 -11.68 -5.54 -3.33
C ASP B 273 -10.73 -4.40 -3.71
N VAL B 274 -9.66 -4.22 -2.92
CA VAL B 274 -8.74 -3.07 -3.09
C VAL B 274 -7.29 -3.53 -2.92
N GLU B 275 -6.43 -3.12 -3.83
CA GLU B 275 -4.96 -3.14 -3.62
C GLU B 275 -4.50 -1.69 -3.57
N PHE B 276 -3.66 -1.33 -2.59
CA PHE B 276 -3.17 0.06 -2.46
C PHE B 276 -1.70 0.04 -2.09
N HIS B 277 -0.91 0.89 -2.74
CA HIS B 277 0.52 1.03 -2.42
C HIS B 277 0.87 2.48 -2.17
N LEU B 278 1.44 2.74 -0.99
CA LEU B 278 2.02 4.05 -0.64
C LEU B 278 3.53 3.92 -0.82
N TYR B 279 4.11 4.80 -1.63
CA TYR B 279 5.56 4.81 -1.89
C TYR B 279 6.28 5.91 -1.12
N PRO B 280 7.39 5.57 -0.48
CA PRO B 280 8.15 6.53 0.29
C PRO B 280 8.98 7.45 -0.60
N GLY B 281 9.20 8.68 -0.13
CA GLY B 281 10.16 9.58 -0.75
C GLY B 281 9.74 10.06 -2.13
N ALA B 282 8.50 9.87 -2.51
CA ALA B 282 8.01 10.01 -3.88
C ALA B 282 6.96 11.11 -3.96
N TYR B 283 7.15 12.03 -4.91
CA TYR B 283 6.19 13.15 -5.16
C TYR B 283 5.27 12.79 -6.32
N HIS B 284 4.25 13.62 -6.53
CA HIS B 284 3.23 13.43 -7.57
C HIS B 284 3.84 13.23 -8.97
N GLY B 285 3.43 12.16 -9.68
CA GLY B 285 3.94 11.92 -11.05
C GLY B 285 5.37 11.43 -11.06
N PHE B 286 5.90 10.95 -9.93
CA PHE B 286 7.32 10.58 -9.86
C PHE B 286 7.66 9.59 -10.98
N GLU B 287 6.79 8.63 -11.21
CA GLU B 287 7.16 7.44 -12.04
C GLU B 287 7.12 7.80 -13.53
N THR B 288 6.36 8.84 -13.89
CA THR B 288 6.33 9.36 -15.29
C THR B 288 7.54 10.27 -15.52
N LEU B 289 7.90 11.08 -14.55
CA LEU B 289 8.99 12.08 -14.68
C LEU B 289 10.37 11.40 -14.56
N ASN B 290 10.48 10.28 -13.81
CA ASN B 290 11.78 9.65 -13.46
C ASN B 290 11.77 8.17 -13.85
N PRO B 291 11.68 7.84 -15.16
CA PRO B 291 11.58 6.45 -15.60
C PRO B 291 12.79 5.58 -15.19
N ALA B 292 13.95 6.16 -14.93
CA ALA B 292 15.17 5.43 -14.58
C ALA B 292 15.18 5.02 -13.09
N ALA B 293 14.39 5.67 -12.24
CA ALA B 293 14.46 5.48 -10.77
C ALA B 293 13.95 4.08 -10.39
N ALA B 294 14.60 3.43 -9.43
CA ALA B 294 14.15 2.09 -8.99
C ALA B 294 12.71 2.14 -8.49
N VAL B 295 12.32 3.15 -7.71
CA VAL B 295 10.93 3.23 -7.16
C VAL B 295 9.93 3.44 -8.31
N SER B 296 10.30 4.22 -9.35
CA SER B 296 9.46 4.39 -10.55
C SER B 296 9.24 3.06 -11.25
N GLN B 297 10.29 2.30 -11.45
CA GLN B 297 10.18 1.04 -12.21
C GLN B 297 9.33 0.04 -11.42
N ARG B 298 9.46 0.02 -10.09
CA ARG B 298 8.63 -0.85 -9.22
C ARG B 298 7.17 -0.43 -9.35
N ALA B 299 6.89 0.88 -9.27
CA ALA B 299 5.52 1.41 -9.28
C ALA B 299 4.85 1.10 -10.62
N LEU B 300 5.56 1.35 -11.72
CA LEU B 300 5.01 1.12 -13.07
C LEU B 300 4.76 -0.36 -13.28
N ALA B 301 5.70 -1.20 -12.93
CA ALA B 301 5.54 -2.65 -13.13
C ALA B 301 4.34 -3.13 -12.32
N GLU B 302 4.13 -2.58 -11.12
CA GLU B 302 3.03 -3.06 -10.26
C GLU B 302 1.68 -2.66 -10.86
N TYR B 303 1.52 -1.42 -11.35
CA TYR B 303 0.18 -1.04 -11.84
C TYR B 303 -0.06 -1.55 -13.25
N VAL B 304 0.95 -1.71 -14.09
CA VAL B 304 0.78 -2.47 -15.35
C VAL B 304 0.38 -3.92 -15.01
N GLY B 305 1.05 -4.52 -14.01
CA GLY B 305 0.74 -5.89 -13.59
C GLY B 305 -0.69 -5.99 -13.08
N ALA B 306 -1.23 -4.97 -12.39
CA ALA B 306 -2.62 -4.99 -11.89
C ALA B 306 -3.59 -5.08 -13.06
N VAL B 307 -3.38 -4.22 -14.08
CA VAL B 307 -4.19 -4.28 -15.32
C VAL B 307 -4.14 -5.70 -15.89
N LYS B 308 -2.95 -6.26 -16.03
CA LYS B 308 -2.79 -7.60 -16.62
C LYS B 308 -3.57 -8.62 -15.77
N HIS B 309 -3.31 -8.63 -14.45
N HIS B 309 -3.35 -8.62 -14.47
CA HIS B 309 -3.91 -9.61 -13.51
CA HIS B 309 -3.90 -9.69 -13.61
C HIS B 309 -5.44 -9.50 -13.54
C HIS B 309 -5.43 -9.53 -13.46
N VAL B 310 -5.96 -8.33 -13.21
CA VAL B 310 -7.41 -8.20 -12.95
C VAL B 310 -8.18 -8.35 -14.28
N LEU B 311 -7.70 -7.77 -15.37
CA LEU B 311 -8.50 -7.86 -16.64
C LEU B 311 -8.52 -9.31 -17.14
N ASN B 312 -7.51 -10.15 -16.84
CA ASN B 312 -7.38 -11.52 -17.41
C ASN B 312 -7.77 -12.62 -16.42
N ARG B 313 -8.24 -12.31 -15.22
CA ARG B 313 -8.39 -13.40 -14.22
C ARG B 313 -9.63 -14.24 -14.54
N GLU B 314 -9.70 -15.45 -13.95
CA GLU B 314 -10.95 -16.26 -13.80
C GLU B 314 -11.19 -16.95 -15.13
#